data_5H2V
#
_entry.id   5H2V
#
_cell.length_a   76.830
_cell.length_b   124.710
_cell.length_c   130.000
_cell.angle_alpha   90.00
_cell.angle_beta   90.00
_cell.angle_gamma   90.00
#
_symmetry.space_group_name_H-M   'P 21 21 21'
#
loop_
_entity.id
_entity.type
_entity.pdbx_description
1 polymer 'Importin subunit beta-3'
2 polymer 'Ubiquitin-like-specific protease 1'
#
loop_
_entity_poly.entity_id
_entity_poly.type
_entity_poly.pdbx_seq_one_letter_code
_entity_poly.pdbx_strand_id
1 'polypeptide(L)'
;MSALPEEVNRTLLQIVQAFASPDNQIRSVAEKALSEEWITENNIEYLLTFLAEQAAFSQDTTVAALSAVLFRKLALKAPI
THIRKEVLAQIRSSLLKGFLSERADSIRHKLSDAIAECVQDDLPAWPELLQALIESLKSGNPNFRESSFRILTTVPYLIT
AVDINSILPIFQSGFTDASDNVKIAAVTAFVGYFKQLPKSEWSKLGILLPSLLNSLPRFLDDGKDDALASVFESLIELVE
LAPKLFKDMFDQIIQFTDMVIKNKDLEPPARTTALELLTVFSENAPQMCKSNQNYGQTLVMVTLIMMTEVSIDDDDAAEW
IESDDTDDEEEVTYDHARQALDRVALKLGGEYLAAPLFQYLQQMITSTEWRERFAAMMALSSAAEGCADVLIGEIPKILD
MVIPLINDPHPRVQYGCCNVLGQISTDFSPFIQRTAHDRILPALISKLTSECTSRVQTHAAAALVNFSEFASKDILEPYL
DSLLTNLLVLLQSNKLYVQEQALTTIAFIAEAAKNKFIKYYDTLMPLLLNVLKVNNKDNSVLKGKCMECATLIGFAVGKE
KFHEHSQELISILVALQNSDIDEDDALRSYLEQSWSRICRILGDDFVPLLPIVIPPLLITAKATQDVGLIEEEEAANFQQ
YPDWDVVQVQGKHIAIHTSVLDDKVSAMELLQSYATLLRGQFAVYVKEVMEEIALPSLDFYLHDGVRAAGATLIPILLSC
LLAATGTQNEELVLLWHKASSKLIGGLMSEPMPEITQVYHNSLVNGIKVMGDNCLSEDQLAAFTKGVSANLTDTYERMQD
RHGDGDEYNENIDEEEDFTDEDLLDEINKSIAAVLKTTNGHYLKNLENIWPMINTFLLDNEPILVIFALVVIGDLIQYGG
EQTASMKNAFIPKVTECLISPDARIRQAASYIIGVCAQYAPSTYADVCIPTLDTLVQIVDFPGSKLEENRSSTENASAAI
AKILYAYNSNIPNVDTYTANWFKTLPTITDKEAASFNYQFLSQLIENNSPIVCAQSNISAVVDSVIQALNERSLTEREGQ
TVISSVKKLLGFLPSSDAMAIFNRYPADIMEKVHKWFA
;
A
2 'polypeptide(L)'
;MSVEVDKHRNTLQYHKKNPYSPLFSPISTYRCYPRVLNNPSESRRSASFSGIYKKRTNTSRFNYLNDRRVLSMEESMKDG
SDRASKAGFIGGIRETLWNSGKYLWHTFVKNEPRNFDGSEVEASGNSDVESRSSGSRSSDVPYGLRENYS
;
B
#
# COMPACT_ATOMS: atom_id res chain seq x y z
N ALA A 3 -1.05 -36.36 43.30
CA ALA A 3 -1.55 -37.15 42.18
C ALA A 3 -0.39 -37.73 41.36
N LEU A 4 0.83 -37.39 41.76
CA LEU A 4 2.01 -37.90 41.09
C LEU A 4 2.86 -38.75 42.03
N PRO A 5 3.56 -39.75 41.48
CA PRO A 5 4.54 -40.52 42.25
C PRO A 5 5.66 -39.61 42.75
N GLU A 6 5.96 -39.70 44.05
CA GLU A 6 6.97 -38.84 44.67
C GLU A 6 8.32 -38.86 43.94
N GLU A 7 8.62 -39.97 43.26
CA GLU A 7 9.82 -40.08 42.43
C GLU A 7 9.81 -39.06 41.29
N VAL A 8 8.66 -38.95 40.62
CA VAL A 8 8.48 -38.03 39.49
C VAL A 8 8.53 -36.56 39.93
N ASN A 9 7.87 -36.25 41.03
CA ASN A 9 7.85 -34.89 41.57
C ASN A 9 9.24 -34.31 41.80
N ARG A 10 10.07 -35.03 42.55
CA ARG A 10 11.41 -34.54 42.88
C ARG A 10 12.29 -34.40 41.64
N THR A 11 12.08 -35.26 40.66
CA THR A 11 12.83 -35.16 39.41
C THR A 11 12.44 -33.85 38.71
N LEU A 12 11.15 -33.68 38.47
CA LEU A 12 10.65 -32.51 37.75
C LEU A 12 10.84 -31.22 38.54
N LEU A 13 10.73 -31.30 39.86
CA LEU A 13 10.95 -30.14 40.71
C LEU A 13 12.39 -29.66 40.58
N GLN A 14 13.32 -30.60 40.52
CA GLN A 14 14.73 -30.29 40.33
C GLN A 14 14.91 -29.58 39.01
N ILE A 15 14.26 -30.10 37.98
CA ILE A 15 14.35 -29.55 36.62
C ILE A 15 13.81 -28.13 36.52
N VAL A 16 12.65 -27.88 37.12
CA VAL A 16 12.03 -26.57 37.00
C VAL A 16 12.75 -25.53 37.87
N GLN A 17 13.27 -25.96 39.01
CA GLN A 17 14.07 -25.07 39.85
C GLN A 17 15.39 -24.74 39.17
N ALA A 18 15.86 -25.68 38.37
CA ALA A 18 17.11 -25.52 37.65
C ALA A 18 16.99 -24.47 36.56
N PHE A 19 15.76 -24.16 36.17
CA PHE A 19 15.52 -23.25 35.06
C PHE A 19 16.01 -21.82 35.32
N ALA A 20 16.14 -21.47 36.60
CA ALA A 20 16.63 -20.15 36.97
C ALA A 20 17.98 -20.24 37.69
N SER A 21 19.06 -20.28 36.91
CA SER A 21 20.40 -20.47 37.47
C SER A 21 21.50 -20.24 36.43
N ASN A 24 24.09 -22.01 33.53
CA ASN A 24 23.85 -22.62 32.23
C ASN A 24 24.11 -24.12 32.23
N GLN A 25 25.00 -24.55 33.12
CA GLN A 25 25.29 -25.97 33.28
C GLN A 25 24.11 -26.67 33.95
N ILE A 26 23.75 -26.20 35.14
CA ILE A 26 22.57 -26.70 35.85
C ILE A 26 21.33 -26.42 35.00
N ARG A 27 21.35 -25.30 34.28
CA ARG A 27 20.16 -24.82 33.60
C ARG A 27 19.72 -25.64 32.39
N SER A 28 20.61 -25.95 31.46
CA SER A 28 20.11 -26.55 30.22
C SER A 28 20.30 -28.07 30.20
N VAL A 29 20.96 -28.61 31.23
CA VAL A 29 20.81 -30.04 31.51
C VAL A 29 19.31 -30.25 31.76
N ALA A 30 18.69 -29.24 32.35
CA ALA A 30 17.28 -29.28 32.70
C ALA A 30 16.36 -29.08 31.50
N GLU A 31 16.59 -28.07 30.66
CA GLU A 31 15.67 -27.84 29.54
C GLU A 31 15.94 -28.80 28.39
N LYS A 32 17.10 -29.45 28.39
CA LYS A 32 17.31 -30.55 27.46
C LYS A 32 16.52 -31.75 27.97
N ALA A 33 16.57 -31.97 29.28
CA ALA A 33 15.78 -33.02 29.92
C ALA A 33 14.29 -32.78 29.72
N LEU A 34 13.88 -31.52 29.82
CA LEU A 34 12.50 -31.14 29.61
C LEU A 34 12.08 -31.41 28.17
N SER A 35 12.89 -30.90 27.24
CA SER A 35 12.58 -30.94 25.81
C SER A 35 12.71 -32.34 25.19
N GLU A 36 13.67 -33.12 25.66
CA GLU A 36 13.95 -34.42 25.05
C GLU A 36 13.38 -35.60 25.82
N GLU A 37 13.22 -35.45 27.13
CA GLU A 37 12.77 -36.58 27.95
C GLU A 37 11.33 -36.49 28.43
N TRP A 38 10.84 -35.28 28.66
CA TRP A 38 9.55 -35.12 29.32
C TRP A 38 8.43 -34.60 28.41
N ILE A 39 8.81 -33.96 27.30
CA ILE A 39 7.83 -33.58 26.30
C ILE A 39 7.79 -34.72 25.28
N THR A 40 7.29 -35.86 25.75
CA THR A 40 7.12 -37.05 24.91
C THR A 40 5.70 -37.58 25.13
N GLU A 41 5.24 -38.47 24.24
CA GLU A 41 3.90 -39.02 24.34
C GLU A 41 3.69 -39.84 25.61
N ASN A 42 4.78 -40.29 26.22
CA ASN A 42 4.71 -41.10 27.42
C ASN A 42 4.84 -40.29 28.72
N ASN A 43 5.32 -39.07 28.60
CA ASN A 43 5.60 -38.25 29.78
C ASN A 43 4.84 -36.92 29.81
N ILE A 44 4.22 -36.56 28.69
CA ILE A 44 3.54 -35.28 28.59
C ILE A 44 2.42 -35.15 29.63
N GLU A 45 1.69 -36.23 29.85
CA GLU A 45 0.59 -36.23 30.81
C GLU A 45 1.11 -35.97 32.21
N TYR A 46 2.19 -36.67 32.56
CA TYR A 46 2.83 -36.48 33.85
C TYR A 46 3.36 -35.05 33.98
N LEU A 47 4.02 -34.58 32.93
CA LEU A 47 4.60 -33.24 32.93
C LEU A 47 3.55 -32.14 33.06
N LEU A 48 2.41 -32.30 32.39
CA LEU A 48 1.34 -31.32 32.48
C LEU A 48 0.68 -31.35 33.86
N THR A 49 0.50 -32.56 34.40
CA THR A 49 -0.07 -32.72 35.73
C THR A 49 0.83 -32.08 36.77
N PHE A 50 2.15 -32.22 36.59
CA PHE A 50 3.11 -31.65 37.52
C PHE A 50 3.06 -30.13 37.54
N LEU A 51 3.21 -29.53 36.35
CA LEU A 51 3.22 -28.08 36.21
C LEU A 51 1.93 -27.43 36.71
N ALA A 52 0.80 -28.08 36.42
CA ALA A 52 -0.49 -27.60 36.90
C ALA A 52 -0.54 -27.64 38.42
N GLU A 53 -0.01 -28.70 39.01
CA GLU A 53 0.02 -28.84 40.46
C GLU A 53 0.95 -27.83 41.11
N GLN A 54 2.08 -27.56 40.45
CA GLN A 54 3.04 -26.59 40.96
C GLN A 54 2.47 -25.18 40.95
N ALA A 55 1.93 -24.79 39.80
CA ALA A 55 1.36 -23.45 39.64
C ALA A 55 0.22 -23.21 40.62
N ALA A 56 -0.56 -24.25 40.86
CA ALA A 56 -1.74 -24.16 41.71
C ALA A 56 -1.41 -24.17 43.20
N PHE A 57 -0.39 -24.96 43.60
CA PHE A 57 -0.18 -25.23 45.03
C PHE A 57 1.18 -24.84 45.61
N SER A 58 2.22 -24.79 44.78
CA SER A 58 3.55 -24.44 45.29
C SER A 58 3.55 -23.07 45.93
N GLN A 59 4.21 -22.95 47.08
CA GLN A 59 4.27 -21.66 47.75
C GLN A 59 5.57 -20.93 47.43
N ASP A 60 6.29 -21.43 46.43
CA ASP A 60 7.45 -20.71 45.92
C ASP A 60 7.02 -19.91 44.68
N THR A 61 7.10 -18.58 44.80
CA THR A 61 6.67 -17.67 43.75
C THR A 61 7.20 -18.05 42.37
N THR A 62 8.51 -18.28 42.31
CA THR A 62 9.20 -18.56 41.05
C THR A 62 8.72 -19.85 40.38
N VAL A 63 8.76 -20.96 41.11
CA VAL A 63 8.35 -22.26 40.57
C VAL A 63 6.89 -22.25 40.10
N ALA A 64 6.01 -21.68 40.93
CA ALA A 64 4.60 -21.58 40.57
C ALA A 64 4.42 -20.78 39.29
N ALA A 65 5.13 -19.66 39.17
CA ALA A 65 5.04 -18.80 37.99
C ALA A 65 5.56 -19.49 36.76
N LEU A 66 6.72 -20.13 36.90
CA LEU A 66 7.38 -20.80 35.78
C LEU A 66 6.52 -21.94 35.26
N SER A 67 6.04 -22.77 36.18
CA SER A 67 5.18 -23.90 35.85
C SER A 67 3.91 -23.46 35.12
N ALA A 68 3.25 -22.43 35.61
CA ALA A 68 2.06 -21.91 34.96
C ALA A 68 2.37 -21.47 33.52
N VAL A 69 3.54 -20.85 33.33
CA VAL A 69 3.91 -20.40 31.99
C VAL A 69 4.28 -21.59 31.11
N LEU A 70 5.08 -22.51 31.65
CA LEU A 70 5.42 -23.72 30.93
C LEU A 70 4.17 -24.49 30.51
N PHE A 71 3.25 -24.64 31.46
CA PHE A 71 2.02 -25.37 31.21
C PHE A 71 1.27 -24.75 30.03
N ARG A 72 1.14 -23.43 30.02
CA ARG A 72 0.48 -22.73 28.93
C ARG A 72 1.17 -23.02 27.59
N LYS A 73 2.49 -22.95 27.57
CA LYS A 73 3.24 -23.23 26.35
C LYS A 73 3.06 -24.67 25.91
N LEU A 74 3.08 -25.59 26.86
CA LEU A 74 3.09 -27.02 26.54
C LEU A 74 1.70 -27.58 26.28
N ALA A 75 0.68 -26.95 26.87
CA ALA A 75 -0.70 -27.40 26.68
C ALA A 75 -1.15 -27.15 25.26
N LEU A 76 -0.56 -26.14 24.62
CA LEU A 76 -0.86 -25.82 23.24
C LEU A 76 -0.35 -26.91 22.28
N LYS A 77 0.93 -27.22 22.37
CA LYS A 77 1.57 -28.10 21.39
C LYS A 77 1.41 -29.59 21.69
N ALA A 78 0.77 -29.93 22.81
CA ALA A 78 0.58 -31.34 23.14
C ALA A 78 -0.26 -32.06 22.06
N PRO A 79 -1.40 -31.49 21.63
CA PRO A 79 -2.23 -30.43 22.21
C PRO A 79 -3.15 -31.04 23.26
N ILE A 80 -3.84 -30.18 24.02
CA ILE A 80 -4.74 -30.60 25.10
C ILE A 80 -5.84 -31.56 24.62
N THR A 81 -6.03 -31.65 23.31
CA THR A 81 -7.08 -32.49 22.74
C THR A 81 -6.76 -33.97 22.90
N HIS A 82 -5.49 -34.33 22.76
CA HIS A 82 -5.06 -35.72 22.82
C HIS A 82 -4.63 -36.16 24.21
N ILE A 83 -5.13 -35.48 25.24
CA ILE A 83 -4.83 -35.86 26.63
C ILE A 83 -5.98 -36.72 27.19
N ARG A 84 -5.62 -37.81 27.87
CA ARG A 84 -6.61 -38.73 28.45
C ARG A 84 -7.55 -37.93 29.37
N LYS A 85 -8.85 -38.19 29.25
CA LYS A 85 -9.88 -37.34 29.85
C LYS A 85 -9.76 -37.26 31.37
N GLU A 86 -9.18 -38.32 31.94
CA GLU A 86 -9.16 -38.49 33.38
C GLU A 86 -8.01 -37.67 33.99
N VAL A 87 -6.99 -37.39 33.19
CA VAL A 87 -5.90 -36.48 33.58
C VAL A 87 -6.29 -35.03 33.29
N LEU A 88 -6.97 -34.80 32.17
CA LEU A 88 -7.52 -33.49 31.86
C LEU A 88 -8.42 -33.01 32.99
N ALA A 89 -9.27 -33.92 33.48
CA ALA A 89 -10.14 -33.63 34.62
C ALA A 89 -9.32 -33.31 35.88
N GLN A 90 -8.21 -34.02 36.04
CA GLN A 90 -7.31 -33.82 37.17
C GLN A 90 -6.62 -32.46 37.10
N ILE A 91 -6.10 -32.16 35.91
CA ILE A 91 -5.42 -30.89 35.66
C ILE A 91 -6.39 -29.71 35.82
N ARG A 92 -7.59 -29.85 35.29
CA ARG A 92 -8.61 -28.80 35.40
C ARG A 92 -8.96 -28.49 36.85
N SER A 93 -9.26 -29.53 37.62
CA SER A 93 -9.70 -29.34 39.01
C SER A 93 -8.59 -28.75 39.87
N SER A 94 -7.33 -29.05 39.57
CA SER A 94 -6.23 -28.55 40.39
C SER A 94 -5.93 -27.08 40.05
N LEU A 95 -5.94 -26.75 38.77
CA LEU A 95 -5.79 -25.37 38.31
C LEU A 95 -6.87 -24.49 38.90
N LEU A 96 -8.08 -25.03 38.93
CA LEU A 96 -9.24 -24.32 39.44
C LEU A 96 -9.13 -24.11 40.95
N LYS A 97 -8.65 -25.14 41.64
CA LYS A 97 -8.48 -25.05 43.08
C LYS A 97 -7.33 -24.09 43.44
N GLY A 98 -6.34 -24.01 42.57
CA GLY A 98 -5.26 -23.08 42.77
C GLY A 98 -5.72 -21.66 42.53
N PHE A 99 -6.61 -21.49 41.55
CA PHE A 99 -7.15 -20.19 41.19
C PHE A 99 -7.98 -19.63 42.35
N LEU A 100 -8.75 -20.50 42.98
CA LEU A 100 -9.66 -20.12 44.07
C LEU A 100 -8.97 -20.10 45.42
N SER A 101 -7.68 -20.41 45.43
CA SER A 101 -6.91 -20.39 46.66
C SER A 101 -6.24 -19.04 46.85
N GLU A 102 -5.30 -18.97 47.78
CA GLU A 102 -4.59 -17.72 48.03
C GLU A 102 -3.28 -17.69 47.24
N ARG A 103 -3.29 -16.94 46.13
CA ARG A 103 -2.13 -16.81 45.25
C ARG A 103 -1.74 -15.35 45.08
N ALA A 104 -0.52 -15.10 44.62
CA ALA A 104 -0.11 -13.75 44.26
C ALA A 104 -0.82 -13.31 42.99
N ASP A 105 -0.91 -12.01 42.77
CA ASP A 105 -1.64 -11.46 41.63
C ASP A 105 -1.11 -11.98 40.30
N SER A 106 0.21 -11.88 40.10
CA SER A 106 0.82 -12.28 38.84
C SER A 106 0.63 -13.77 38.58
N ILE A 107 0.61 -14.56 39.65
CA ILE A 107 0.49 -16.01 39.52
C ILE A 107 -0.93 -16.39 39.13
N ARG A 108 -1.93 -15.70 39.68
CA ARG A 108 -3.31 -15.93 39.28
C ARG A 108 -3.53 -15.52 37.82
N HIS A 109 -2.77 -14.51 37.37
CA HIS A 109 -2.77 -14.12 35.96
C HIS A 109 -2.28 -15.27 35.09
N LYS A 110 -1.17 -15.87 35.51
CA LYS A 110 -0.61 -17.01 34.79
C LYS A 110 -1.48 -18.24 34.97
N LEU A 111 -2.11 -18.38 36.14
CA LEU A 111 -3.09 -19.45 36.33
C LEU A 111 -4.25 -19.28 35.35
N SER A 112 -4.67 -18.04 35.18
CA SER A 112 -5.73 -17.69 34.24
C SER A 112 -5.37 -18.11 32.82
N ASP A 113 -4.13 -17.81 32.42
CA ASP A 113 -3.68 -18.13 31.08
C ASP A 113 -3.58 -19.64 30.91
N ALA A 114 -3.26 -20.34 32.00
CA ALA A 114 -3.19 -21.80 32.02
C ALA A 114 -4.57 -22.42 31.90
N ILE A 115 -5.49 -21.94 32.73
CA ILE A 115 -6.89 -22.37 32.71
C ILE A 115 -7.50 -22.22 31.33
N ALA A 116 -7.22 -21.10 30.68
CA ALA A 116 -7.74 -20.82 29.35
C ALA A 116 -7.33 -21.88 28.32
N GLU A 117 -6.14 -22.45 28.48
CA GLU A 117 -5.67 -23.51 27.59
C GLU A 117 -6.40 -24.82 27.86
N CYS A 118 -7.23 -24.86 28.90
CA CYS A 118 -8.01 -26.05 29.22
C CYS A 118 -9.47 -25.88 28.81
N VAL A 119 -9.74 -24.88 27.99
CA VAL A 119 -11.10 -24.64 27.49
C VAL A 119 -11.15 -24.68 25.96
N GLN A 120 -12.05 -25.51 25.41
CA GLN A 120 -12.12 -25.71 23.96
C GLN A 120 -13.38 -26.37 23.46
N ASP A 121 -13.67 -26.16 22.17
CA ASP A 121 -14.76 -26.87 21.49
C ASP A 121 -14.58 -28.39 21.65
N ASP A 122 -13.38 -28.86 21.34
CA ASP A 122 -13.03 -30.27 21.28
C ASP A 122 -13.19 -30.95 22.63
N LEU A 123 -12.92 -30.17 23.67
CA LEU A 123 -12.80 -30.69 25.03
C LEU A 123 -14.16 -30.84 25.70
N PRO A 124 -14.28 -31.84 26.58
CA PRO A 124 -15.46 -32.05 27.42
C PRO A 124 -15.82 -30.79 28.18
N ALA A 125 -17.11 -30.57 28.41
CA ALA A 125 -17.59 -29.38 29.11
C ALA A 125 -16.92 -29.24 30.47
N TRP A 126 -16.75 -27.98 30.89
CA TRP A 126 -16.12 -27.70 32.17
C TRP A 126 -16.99 -26.70 32.94
N PRO A 127 -18.13 -27.19 33.47
CA PRO A 127 -19.09 -26.31 34.14
C PRO A 127 -18.60 -25.79 35.49
N GLU A 128 -17.52 -26.38 36.01
CA GLU A 128 -16.99 -25.96 37.29
C GLU A 128 -16.31 -24.60 37.16
N LEU A 129 -15.66 -24.39 36.03
CA LEU A 129 -15.01 -23.12 35.71
C LEU A 129 -16.03 -22.00 35.56
N LEU A 130 -17.04 -22.25 34.73
CA LEU A 130 -18.12 -21.29 34.50
C LEU A 130 -18.73 -20.84 35.82
N GLN A 131 -18.96 -21.79 36.72
CA GLN A 131 -19.50 -21.48 38.03
C GLN A 131 -18.48 -20.70 38.85
N ALA A 132 -17.21 -21.07 38.70
CA ALA A 132 -16.12 -20.41 39.40
C ALA A 132 -15.94 -18.97 38.92
N LEU A 133 -16.05 -18.77 37.60
CA LEU A 133 -15.91 -17.45 37.00
C LEU A 133 -17.01 -16.49 37.49
N ILE A 134 -18.23 -17.00 37.58
CA ILE A 134 -19.37 -16.18 37.98
C ILE A 134 -19.26 -15.73 39.44
N GLU A 135 -18.86 -16.64 40.32
CA GLU A 135 -18.73 -16.31 41.73
C GLU A 135 -17.51 -15.41 41.97
N SER A 136 -16.51 -15.54 41.10
CA SER A 136 -15.29 -14.74 41.20
C SER A 136 -15.54 -13.29 40.79
N LEU A 137 -16.38 -13.09 39.78
CA LEU A 137 -16.71 -11.75 39.33
C LEU A 137 -17.47 -10.98 40.42
N LYS A 138 -18.11 -11.71 41.32
CA LYS A 138 -18.87 -11.10 42.41
C LYS A 138 -18.04 -10.90 43.67
N SER A 139 -16.84 -11.47 43.69
CA SER A 139 -15.91 -11.30 44.82
C SER A 139 -15.65 -9.84 45.18
N GLY A 140 -15.05 -9.62 46.34
CA GLY A 140 -14.68 -8.29 46.77
C GLY A 140 -13.24 -8.01 46.40
N ASN A 141 -12.51 -9.08 46.10
CA ASN A 141 -11.12 -8.98 45.69
C ASN A 141 -11.01 -8.62 44.21
N PRO A 142 -10.49 -7.41 43.91
CA PRO A 142 -10.35 -6.92 42.53
C PRO A 142 -9.57 -7.87 41.64
N ASN A 143 -8.56 -8.53 42.19
CA ASN A 143 -7.74 -9.45 41.41
C ASN A 143 -8.53 -10.67 40.95
N PHE A 144 -9.53 -11.05 41.74
CA PHE A 144 -10.41 -12.15 41.36
C PHE A 144 -11.32 -11.73 40.20
N ARG A 145 -11.89 -10.53 40.30
CA ARG A 145 -12.73 -9.99 39.25
C ARG A 145 -11.91 -9.73 37.99
N GLU A 146 -10.72 -9.14 38.18
CA GLU A 146 -9.84 -8.84 37.06
C GLU A 146 -9.42 -10.11 36.33
N SER A 147 -9.05 -11.14 37.08
CA SER A 147 -8.56 -12.38 36.48
C SER A 147 -9.67 -13.09 35.73
N SER A 148 -10.89 -12.94 36.22
CA SER A 148 -12.03 -13.56 35.57
C SER A 148 -12.26 -12.91 34.22
N PHE A 149 -12.24 -11.57 34.19
CA PHE A 149 -12.39 -10.86 32.93
C PHE A 149 -11.26 -11.24 31.99
N ARG A 150 -10.06 -11.40 32.55
CA ARG A 150 -8.90 -11.80 31.76
C ARG A 150 -9.14 -13.14 31.07
N ILE A 151 -9.69 -14.11 31.81
CA ILE A 151 -10.00 -15.41 31.23
C ILE A 151 -11.00 -15.26 30.08
N LEU A 152 -12.05 -14.47 30.31
CA LEU A 152 -13.07 -14.19 29.29
C LEU A 152 -12.46 -13.48 28.07
N THR A 153 -11.31 -12.82 28.27
CA THR A 153 -10.61 -12.17 27.18
C THR A 153 -9.93 -13.21 26.30
N THR A 154 -9.29 -14.19 26.94
CA THR A 154 -8.62 -15.27 26.20
C THR A 154 -9.62 -16.22 25.54
N VAL A 155 -10.69 -16.54 26.24
CA VAL A 155 -11.72 -17.45 25.74
C VAL A 155 -13.10 -16.79 25.78
N PRO A 156 -13.37 -15.90 24.83
CA PRO A 156 -14.61 -15.14 24.84
C PRO A 156 -15.83 -15.99 24.48
N TYR A 157 -15.60 -17.24 24.07
CA TYR A 157 -16.71 -18.16 23.84
C TYR A 157 -17.46 -18.39 25.15
N LEU A 158 -16.73 -18.32 26.26
CA LEU A 158 -17.34 -18.51 27.58
C LEU A 158 -18.45 -17.51 27.86
N ILE A 159 -18.37 -16.35 27.23
CA ILE A 159 -19.40 -15.33 27.41
C ILE A 159 -20.74 -15.84 26.86
N THR A 160 -20.67 -16.69 25.84
CA THR A 160 -21.85 -17.33 25.27
C THR A 160 -22.43 -18.39 26.20
N ALA A 161 -21.55 -19.07 26.94
CA ALA A 161 -21.93 -20.21 27.76
C ALA A 161 -22.73 -19.79 28.99
N VAL A 162 -22.33 -18.69 29.60
CA VAL A 162 -23.03 -18.15 30.75
C VAL A 162 -24.41 -17.64 30.31
N ASP A 163 -25.40 -17.78 31.18
CA ASP A 163 -26.71 -17.21 30.93
C ASP A 163 -26.59 -15.71 30.71
N ILE A 164 -27.25 -15.21 29.67
CA ILE A 164 -27.11 -13.81 29.27
C ILE A 164 -27.49 -12.85 30.39
N ASN A 165 -28.50 -13.23 31.18
CA ASN A 165 -28.99 -12.36 32.24
C ASN A 165 -28.05 -12.29 33.43
N SER A 166 -26.95 -13.04 33.34
CA SER A 166 -25.93 -12.99 34.37
C SER A 166 -24.69 -12.26 33.83
N ILE A 167 -24.38 -12.53 32.56
CA ILE A 167 -23.18 -11.97 31.96
C ILE A 167 -23.33 -10.47 31.69
N LEU A 168 -24.55 -10.02 31.43
CA LEU A 168 -24.77 -8.61 31.14
C LEU A 168 -24.52 -7.72 32.37
N PRO A 169 -25.16 -8.04 33.52
CA PRO A 169 -24.85 -7.16 34.65
C PRO A 169 -23.41 -7.29 35.14
N ILE A 170 -22.77 -8.42 34.82
CA ILE A 170 -21.36 -8.59 35.16
C ILE A 170 -20.53 -7.52 34.46
N PHE A 171 -20.77 -7.32 33.16
CA PHE A 171 -20.02 -6.33 32.41
C PHE A 171 -20.36 -4.90 32.84
N GLN A 172 -21.64 -4.67 33.12
CA GLN A 172 -22.09 -3.35 33.56
C GLN A 172 -21.50 -3.03 34.91
N SER A 173 -21.33 -4.06 35.73
CA SER A 173 -20.64 -3.90 37.00
C SER A 173 -19.15 -3.66 36.74
N GLY A 174 -18.61 -4.37 35.75
CA GLY A 174 -17.20 -4.24 35.39
C GLY A 174 -16.86 -2.86 34.89
N PHE A 175 -17.74 -2.28 34.07
CA PHE A 175 -17.50 -0.95 33.51
C PHE A 175 -17.47 0.12 34.59
N THR A 176 -18.15 -0.13 35.71
CA THR A 176 -18.26 0.88 36.76
C THR A 176 -17.62 0.43 38.08
N ASP A 177 -16.85 -0.65 38.02
CA ASP A 177 -16.11 -1.17 39.16
C ASP A 177 -15.23 -0.10 39.80
N ALA A 178 -15.02 -0.22 41.11
CA ALA A 178 -14.20 0.75 41.86
C ALA A 178 -12.73 0.65 41.47
N SER A 179 -12.31 -0.53 41.04
CA SER A 179 -10.92 -0.73 40.63
C SER A 179 -10.70 -0.40 39.15
N ASP A 180 -9.67 0.40 38.89
CA ASP A 180 -9.32 0.76 37.53
C ASP A 180 -8.94 -0.47 36.73
N ASN A 181 -8.14 -1.33 37.35
CA ASN A 181 -7.68 -2.55 36.70
C ASN A 181 -8.83 -3.42 36.23
N VAL A 182 -9.85 -3.55 37.08
CA VAL A 182 -11.00 -4.37 36.75
C VAL A 182 -11.74 -3.74 35.59
N LYS A 183 -11.92 -2.42 35.65
CA LYS A 183 -12.55 -1.69 34.55
C LYS A 183 -11.83 -1.91 33.23
N ILE A 184 -10.52 -1.71 33.21
CA ILE A 184 -9.76 -1.93 32.00
C ILE A 184 -9.90 -3.38 31.53
N ALA A 185 -9.97 -4.31 32.48
CA ALA A 185 -10.14 -5.71 32.16
C ALA A 185 -11.51 -5.95 31.56
N ALA A 186 -12.52 -5.33 32.18
CA ALA A 186 -13.89 -5.48 31.69
C ALA A 186 -14.01 -4.95 30.26
N VAL A 187 -13.40 -3.80 30.01
CA VAL A 187 -13.49 -3.19 28.70
C VAL A 187 -12.74 -4.04 27.67
N THR A 188 -11.58 -4.55 28.07
CA THR A 188 -10.79 -5.39 27.19
C THR A 188 -11.54 -6.66 26.83
N ALA A 189 -12.20 -7.26 27.82
CA ALA A 189 -12.92 -8.50 27.63
C ALA A 189 -14.14 -8.27 26.75
N PHE A 190 -14.77 -7.10 26.94
CA PHE A 190 -15.94 -6.71 26.16
C PHE A 190 -15.58 -6.57 24.69
N VAL A 191 -14.53 -5.80 24.40
CA VAL A 191 -14.11 -5.62 23.01
C VAL A 191 -13.55 -6.92 22.43
N GLY A 192 -12.88 -7.70 23.27
CA GLY A 192 -12.31 -8.97 22.85
C GLY A 192 -13.40 -9.90 22.33
N TYR A 193 -14.61 -9.75 22.88
CA TYR A 193 -15.74 -10.57 22.45
C TYR A 193 -15.94 -10.39 20.96
N PHE A 194 -15.99 -9.14 20.53
CA PHE A 194 -16.19 -8.83 19.13
C PHE A 194 -14.97 -9.18 18.27
N LYS A 195 -13.80 -9.24 18.90
CA LYS A 195 -12.56 -9.56 18.18
C LYS A 195 -12.49 -11.02 17.74
N GLN A 196 -13.20 -11.89 18.43
CA GLN A 196 -13.00 -13.33 18.25
C GLN A 196 -14.23 -14.04 17.71
N LEU A 197 -15.42 -13.59 18.11
CA LEU A 197 -16.66 -14.26 17.72
C LEU A 197 -17.23 -13.76 16.41
N PRO A 198 -18.00 -14.61 15.70
CA PRO A 198 -18.72 -14.23 14.49
C PRO A 198 -19.63 -13.02 14.73
N LYS A 199 -20.01 -12.31 13.65
CA LYS A 199 -20.87 -11.14 13.78
C LYS A 199 -22.27 -11.50 14.23
N SER A 200 -22.68 -12.74 13.96
CA SER A 200 -24.02 -13.19 14.33
C SER A 200 -24.20 -13.29 15.86
N GLU A 201 -23.08 -13.23 16.58
CA GLU A 201 -23.12 -13.31 18.03
C GLU A 201 -23.04 -11.93 18.68
N TRP A 202 -22.71 -10.92 17.89
CA TRP A 202 -22.40 -9.60 18.43
C TRP A 202 -23.59 -8.92 19.11
N SER A 203 -24.79 -9.12 18.59
CA SER A 203 -25.96 -8.40 19.11
C SER A 203 -26.30 -8.84 20.53
N LYS A 204 -25.58 -9.84 21.01
CA LYS A 204 -25.75 -10.33 22.36
C LYS A 204 -25.11 -9.40 23.39
N LEU A 205 -24.02 -8.75 23.01
CA LEU A 205 -23.29 -7.84 23.90
C LEU A 205 -23.36 -6.39 23.46
N GLY A 206 -23.64 -6.18 22.17
CA GLY A 206 -23.66 -4.85 21.59
C GLY A 206 -24.45 -3.84 22.40
N ILE A 207 -25.53 -4.31 23.02
CA ILE A 207 -26.42 -3.44 23.78
C ILE A 207 -25.73 -2.86 25.01
N LEU A 208 -24.52 -3.32 25.30
CA LEU A 208 -23.80 -2.85 26.47
C LEU A 208 -22.94 -1.63 26.17
N LEU A 209 -22.88 -1.23 24.90
CA LEU A 209 -22.02 -0.10 24.54
C LEU A 209 -22.43 1.21 25.23
N PRO A 210 -23.73 1.53 25.30
CA PRO A 210 -24.08 2.76 26.04
C PRO A 210 -23.66 2.74 27.51
N SER A 211 -23.66 1.55 28.13
CA SER A 211 -23.26 1.44 29.53
C SER A 211 -21.79 1.79 29.66
N LEU A 212 -21.01 1.28 28.71
CA LEU A 212 -19.58 1.53 28.68
C LEU A 212 -19.31 3.02 28.50
N LEU A 213 -19.93 3.62 27.50
CA LEU A 213 -19.74 5.03 27.20
C LEU A 213 -20.15 5.92 28.36
N ASN A 214 -21.21 5.55 29.07
CA ASN A 214 -21.67 6.36 30.19
C ASN A 214 -20.72 6.27 31.37
N SER A 215 -19.87 5.25 31.38
CA SER A 215 -18.91 5.07 32.47
C SER A 215 -17.66 5.94 32.30
N LEU A 216 -17.43 6.44 31.09
CA LEU A 216 -16.24 7.24 30.78
C LEU A 216 -16.08 8.55 31.59
N PRO A 217 -17.16 9.34 31.77
CA PRO A 217 -16.98 10.57 32.57
C PRO A 217 -16.44 10.33 33.98
N ARG A 218 -16.65 9.14 34.52
CA ARG A 218 -16.13 8.83 35.86
C ARG A 218 -14.60 8.93 35.92
N PHE A 219 -13.93 8.55 34.83
CA PHE A 219 -12.47 8.61 34.79
C PHE A 219 -11.93 10.03 34.95
N LEU A 220 -12.63 11.00 34.36
CA LEU A 220 -12.23 12.39 34.49
C LEU A 220 -12.45 12.90 35.90
N ASP A 221 -13.49 12.41 36.55
CA ASP A 221 -13.84 12.85 37.90
C ASP A 221 -12.77 12.39 38.89
N ASP A 222 -12.38 11.12 38.81
CA ASP A 222 -11.37 10.55 39.69
C ASP A 222 -9.94 10.96 39.30
N GLY A 223 -9.79 11.66 38.19
CA GLY A 223 -8.48 12.05 37.71
C GLY A 223 -7.65 10.85 37.26
N LYS A 224 -8.33 9.84 36.72
CA LYS A 224 -7.68 8.62 36.25
C LYS A 224 -7.43 8.69 34.74
N ASP A 225 -6.47 9.51 34.33
CA ASP A 225 -6.22 9.79 32.93
C ASP A 225 -5.63 8.62 32.16
N ASP A 226 -4.75 7.86 32.81
CA ASP A 226 -4.06 6.76 32.16
C ASP A 226 -4.99 5.55 31.97
N ALA A 227 -5.87 5.32 32.93
CA ALA A 227 -6.88 4.27 32.78
C ALA A 227 -7.84 4.65 31.65
N LEU A 228 -8.15 5.94 31.56
CA LEU A 228 -8.98 6.45 30.47
C LEU A 228 -8.33 6.19 29.12
N ALA A 229 -7.04 6.48 29.03
CA ALA A 229 -6.30 6.26 27.80
C ALA A 229 -6.28 4.77 27.42
N SER A 230 -6.21 3.90 28.41
CA SER A 230 -6.25 2.47 28.14
C SER A 230 -7.61 2.10 27.56
N VAL A 231 -8.68 2.63 28.14
CA VAL A 231 -10.03 2.34 27.68
C VAL A 231 -10.27 2.91 26.29
N PHE A 232 -9.70 4.09 26.01
CA PHE A 232 -9.77 4.66 24.67
C PHE A 232 -9.13 3.69 23.67
N GLU A 233 -8.01 3.09 24.05
CA GLU A 233 -7.30 2.21 23.14
C GLU A 233 -8.14 0.97 22.81
N SER A 234 -8.98 0.54 23.74
CA SER A 234 -9.88 -0.58 23.48
C SER A 234 -11.04 -0.16 22.58
N LEU A 235 -11.57 1.03 22.85
CA LEU A 235 -12.67 1.58 22.07
C LEU A 235 -12.26 1.79 20.62
N ILE A 236 -11.01 2.21 20.41
CA ILE A 236 -10.48 2.39 19.07
C ILE A 236 -10.51 1.08 18.28
N GLU A 237 -10.16 -0.01 18.95
CA GLU A 237 -10.23 -1.34 18.34
C GLU A 237 -11.66 -1.69 17.99
N LEU A 238 -12.59 -1.24 18.83
CA LEU A 238 -14.00 -1.56 18.62
C LEU A 238 -14.58 -0.76 17.46
N VAL A 239 -14.03 0.43 17.21
CA VAL A 239 -14.52 1.25 16.11
C VAL A 239 -14.12 0.64 14.77
N GLU A 240 -12.95 0.02 14.74
CA GLU A 240 -12.49 -0.66 13.53
C GLU A 240 -13.31 -1.92 13.25
N LEU A 241 -13.88 -2.50 14.31
CA LEU A 241 -14.65 -3.74 14.19
C LEU A 241 -16.13 -3.47 13.90
N ALA A 242 -16.74 -2.61 14.69
CA ALA A 242 -18.16 -2.33 14.54
C ALA A 242 -18.47 -0.85 14.73
N PRO A 243 -18.05 -0.02 13.76
CA PRO A 243 -18.25 1.43 13.87
C PRO A 243 -19.71 1.82 14.11
N LYS A 244 -20.62 1.16 13.41
CA LYS A 244 -22.02 1.53 13.44
C LYS A 244 -22.69 1.38 14.80
N LEU A 245 -22.07 0.59 15.66
CA LEU A 245 -22.53 0.41 17.02
C LEU A 245 -22.54 1.74 17.77
N PHE A 246 -21.76 2.70 17.26
CA PHE A 246 -21.57 4.01 17.88
C PHE A 246 -22.51 5.06 17.30
N LYS A 247 -23.34 4.64 16.36
CA LYS A 247 -24.19 5.57 15.62
C LYS A 247 -25.13 6.38 16.52
N ASP A 248 -25.80 5.68 17.44
CA ASP A 248 -26.86 6.29 18.25
C ASP A 248 -26.34 7.25 19.34
N MET A 249 -25.09 7.08 19.74
CA MET A 249 -24.49 7.95 20.74
C MET A 249 -23.24 8.62 20.20
N PHE A 250 -23.22 8.82 18.88
CA PHE A 250 -22.09 9.42 18.20
C PHE A 250 -21.81 10.82 18.73
N ASP A 251 -22.86 11.61 18.92
CA ASP A 251 -22.69 12.96 19.45
C ASP A 251 -22.00 12.98 20.81
N GLN A 252 -22.40 12.11 21.72
CA GLN A 252 -21.84 12.19 23.07
C GLN A 252 -20.36 11.79 23.08
N ILE A 253 -19.99 10.81 22.28
CA ILE A 253 -18.59 10.39 22.24
C ILE A 253 -17.75 11.43 21.48
N ILE A 254 -18.38 12.13 20.54
CA ILE A 254 -17.71 13.24 19.87
C ILE A 254 -17.45 14.35 20.88
N GLN A 255 -18.48 14.70 21.66
CA GLN A 255 -18.35 15.79 22.63
C GLN A 255 -17.48 15.38 23.81
N PHE A 256 -17.38 14.08 24.08
CA PHE A 256 -16.54 13.63 25.18
C PHE A 256 -15.07 13.77 24.82
N THR A 257 -14.67 13.26 23.66
CA THR A 257 -13.29 13.39 23.20
C THR A 257 -12.90 14.88 23.08
N ASP A 258 -13.84 15.70 22.61
CA ASP A 258 -13.64 17.14 22.57
C ASP A 258 -13.30 17.66 23.96
N MET A 259 -14.03 17.18 24.95
CA MET A 259 -13.86 17.64 26.31
C MET A 259 -12.51 17.22 26.88
N VAL A 260 -12.09 16.00 26.54
CA VAL A 260 -10.83 15.47 27.02
C VAL A 260 -9.64 16.21 26.41
N ILE A 261 -9.68 16.40 25.09
CA ILE A 261 -8.60 17.05 24.36
C ILE A 261 -8.42 18.52 24.74
N LYS A 262 -9.52 19.19 25.07
CA LYS A 262 -9.46 20.60 25.46
C LYS A 262 -8.88 20.78 26.86
N ASN A 263 -9.17 19.83 27.74
CA ASN A 263 -8.59 19.81 29.09
C ASN A 263 -7.09 19.59 28.99
N LYS A 264 -6.32 20.66 28.83
CA LYS A 264 -4.89 20.50 28.58
C LYS A 264 -4.07 20.53 29.87
N ASP A 265 -4.73 20.25 30.99
CA ASP A 265 -4.03 19.96 32.24
C ASP A 265 -3.79 18.45 32.36
N LEU A 266 -4.48 17.69 31.49
CA LEU A 266 -4.31 16.24 31.44
C LEU A 266 -2.98 15.89 30.80
N GLU A 267 -2.46 14.71 31.14
CA GLU A 267 -1.24 14.21 30.52
C GLU A 267 -1.57 13.76 29.09
N PRO A 268 -0.62 13.93 28.16
CA PRO A 268 -0.82 13.61 26.74
C PRO A 268 -1.47 12.26 26.36
N PRO A 269 -1.20 11.15 27.09
CA PRO A 269 -1.81 9.88 26.64
C PRO A 269 -3.34 9.91 26.55
N ALA A 270 -4.00 10.54 27.52
CA ALA A 270 -5.45 10.64 27.49
C ALA A 270 -5.92 11.42 26.26
N ARG A 271 -5.20 12.49 25.93
CA ARG A 271 -5.59 13.38 24.84
C ARG A 271 -5.20 12.86 23.45
N THR A 272 -4.07 12.18 23.33
CA THR A 272 -3.70 11.61 22.04
C THR A 272 -4.61 10.42 21.70
N THR A 273 -4.90 9.58 22.68
CA THR A 273 -5.81 8.46 22.45
C THR A 273 -7.21 8.96 22.08
N ALA A 274 -7.70 9.94 22.82
CA ALA A 274 -8.99 10.57 22.52
C ALA A 274 -9.05 11.07 21.08
N LEU A 275 -7.95 11.67 20.61
CA LEU A 275 -7.90 12.18 19.25
C LEU A 275 -7.89 11.03 18.25
N GLU A 276 -7.23 9.94 18.61
CA GLU A 276 -7.13 8.80 17.72
C GLU A 276 -8.52 8.20 17.54
N LEU A 277 -9.28 8.09 18.65
CA LEU A 277 -10.65 7.62 18.62
C LEU A 277 -11.50 8.44 17.65
N LEU A 278 -11.42 9.76 17.76
CA LEU A 278 -12.06 10.66 16.80
C LEU A 278 -11.62 10.30 15.39
N THR A 279 -10.31 10.32 15.16
CA THR A 279 -9.75 10.08 13.85
C THR A 279 -10.26 8.80 13.20
N VAL A 280 -10.25 7.73 13.97
CA VAL A 280 -10.51 6.39 13.46
C VAL A 280 -11.96 6.22 12.94
N PHE A 281 -12.88 7.04 13.42
CA PHE A 281 -14.24 7.02 12.89
C PHE A 281 -14.26 7.37 11.40
N SER A 282 -13.38 8.28 10.99
CA SER A 282 -13.36 8.71 9.60
C SER A 282 -12.84 7.58 8.72
N GLU A 283 -12.05 6.69 9.30
CA GLU A 283 -11.42 5.63 8.54
C GLU A 283 -12.27 4.35 8.48
N ASN A 284 -13.32 4.28 9.30
CA ASN A 284 -14.16 3.09 9.36
C ASN A 284 -15.64 3.35 9.11
N ALA A 285 -16.07 4.58 9.32
CA ALA A 285 -17.45 4.95 9.03
C ALA A 285 -17.51 6.39 8.51
N PRO A 286 -17.02 6.60 7.27
CA PRO A 286 -17.03 7.95 6.71
C PRO A 286 -18.44 8.50 6.44
N GLN A 287 -19.35 7.67 5.93
CA GLN A 287 -20.73 8.12 5.68
C GLN A 287 -21.34 8.68 6.96
N MET A 288 -21.03 8.04 8.08
CA MET A 288 -21.51 8.44 9.39
C MET A 288 -20.90 9.79 9.80
N CYS A 289 -19.63 9.98 9.52
CA CYS A 289 -18.96 11.23 9.88
C CYS A 289 -19.50 12.38 9.04
N LYS A 290 -19.80 12.08 7.78
CA LYS A 290 -20.30 13.07 6.83
C LYS A 290 -21.72 13.49 7.15
N SER A 291 -22.51 12.55 7.68
CA SER A 291 -23.92 12.80 7.97
C SER A 291 -24.10 13.58 9.26
N ASN A 292 -22.99 13.89 9.93
CA ASN A 292 -23.02 14.65 11.18
C ASN A 292 -21.97 15.76 11.18
N GLN A 293 -22.40 17.00 10.98
CA GLN A 293 -21.44 18.09 10.77
C GLN A 293 -20.80 18.53 12.09
N ASN A 294 -21.26 17.96 13.20
CA ASN A 294 -20.61 18.23 14.48
C ASN A 294 -19.27 17.49 14.58
N TYR A 295 -19.11 16.41 13.81
CA TYR A 295 -17.86 15.66 13.79
C TYR A 295 -16.71 16.49 13.21
N GLY A 296 -16.85 16.87 11.94
CA GLY A 296 -15.86 17.69 11.25
C GLY A 296 -15.52 18.94 12.01
N GLN A 297 -16.53 19.61 12.55
CA GLN A 297 -16.34 20.81 13.33
C GLN A 297 -15.45 20.54 14.55
N THR A 298 -15.67 19.40 15.20
CA THR A 298 -14.92 19.04 16.40
C THR A 298 -13.51 18.55 16.06
N LEU A 299 -13.41 17.71 15.03
CA LEU A 299 -12.12 17.21 14.55
C LEU A 299 -11.18 18.35 14.18
N VAL A 300 -11.68 19.28 13.36
CA VAL A 300 -10.91 20.45 12.98
C VAL A 300 -10.50 21.28 14.20
N MET A 301 -11.45 21.55 15.08
CA MET A 301 -11.20 22.40 16.23
C MET A 301 -10.11 21.86 17.15
N VAL A 302 -10.15 20.57 17.44
CA VAL A 302 -9.26 20.00 18.45
C VAL A 302 -7.85 19.77 17.89
N THR A 303 -7.75 19.42 16.60
CA THR A 303 -6.44 19.25 15.98
C THR A 303 -5.73 20.60 15.92
N LEU A 304 -6.51 21.65 15.66
CA LEU A 304 -5.98 23.01 15.64
C LEU A 304 -5.47 23.41 17.02
N ILE A 305 -6.28 23.15 18.04
CA ILE A 305 -5.87 23.39 19.41
C ILE A 305 -4.54 22.72 19.73
N MET A 306 -4.40 21.46 19.33
CA MET A 306 -3.20 20.69 19.63
C MET A 306 -1.99 21.12 18.79
N MET A 307 -2.22 21.68 17.61
CA MET A 307 -1.09 22.14 16.80
C MET A 307 -0.49 23.44 17.34
N THR A 308 -1.20 24.12 18.24
CA THR A 308 -0.66 25.33 18.84
C THR A 308 0.27 25.01 20.00
N GLU A 309 0.35 23.74 20.39
CA GLU A 309 1.13 23.34 21.55
C GLU A 309 2.61 23.12 21.21
N VAL A 310 3.24 24.16 20.70
CA VAL A 310 4.63 24.11 20.30
C VAL A 310 5.44 25.17 21.05
N SER A 311 6.73 24.87 21.28
CA SER A 311 7.64 25.80 21.96
C SER A 311 7.11 26.30 23.30
N ILE A 312 6.57 25.39 24.12
CA ILE A 312 5.97 25.81 25.38
C ILE A 312 7.02 26.38 26.34
N ASP A 313 6.65 27.46 27.04
CA ASP A 313 7.56 28.21 27.92
C ASP A 313 8.83 28.62 27.18
N ASP A 314 8.68 29.06 25.94
CA ASP A 314 9.80 29.49 25.10
C ASP A 314 9.26 30.29 23.92
N ASP A 315 8.69 31.46 24.22
CA ASP A 315 8.00 32.28 23.23
C ASP A 315 8.91 32.80 22.13
N ASP A 316 10.21 32.86 22.39
CA ASP A 316 11.17 33.30 21.39
C ASP A 316 11.48 32.18 20.41
N ALA A 317 11.10 30.95 20.79
CA ALA A 317 11.47 29.74 20.06
C ALA A 317 12.98 29.65 19.95
N ALA A 318 13.67 30.07 21.01
CA ALA A 318 15.12 30.05 21.04
C ALA A 318 15.67 28.64 20.88
N GLU A 319 15.02 27.67 21.51
CA GLU A 319 15.48 26.29 21.43
C GLU A 319 15.30 25.75 20.00
N TRP A 320 14.29 26.28 19.32
CA TRP A 320 13.93 25.83 17.97
C TRP A 320 14.84 26.44 16.92
N ILE A 321 15.22 27.70 17.13
CA ILE A 321 16.10 28.42 16.22
C ILE A 321 17.53 27.85 16.26
N GLU A 322 17.91 27.28 17.40
CA GLU A 322 19.27 26.81 17.60
C GLU A 322 19.45 25.32 17.22
N SER A 323 18.36 24.59 17.07
CA SER A 323 18.44 23.18 16.75
C SER A 323 18.46 22.93 15.24
N ASP A 324 18.69 21.68 14.85
CA ASP A 324 18.73 21.32 13.43
C ASP A 324 17.33 21.21 12.84
N ASP A 325 17.25 20.87 11.57
CA ASP A 325 15.97 20.81 10.88
C ASP A 325 15.29 19.45 11.03
N THR A 326 15.33 18.88 12.23
CA THR A 326 14.55 17.67 12.50
C THR A 326 13.38 18.02 13.41
N ASP A 327 12.45 17.09 13.57
CA ASP A 327 11.30 17.29 14.46
C ASP A 327 11.71 17.22 15.93
N ASP A 328 11.11 18.08 16.74
CA ASP A 328 11.24 17.97 18.18
C ASP A 328 10.33 16.84 18.64
N GLU A 329 10.94 15.75 19.12
CA GLU A 329 10.20 14.55 19.51
C GLU A 329 9.31 14.80 20.73
N GLU A 330 9.54 15.91 21.42
CA GLU A 330 8.79 16.25 22.63
C GLU A 330 7.44 16.89 22.31
N GLU A 331 7.30 17.39 21.09
CA GLU A 331 6.04 18.01 20.70
C GLU A 331 5.06 16.96 20.18
N VAL A 332 4.65 16.08 21.09
CA VAL A 332 3.87 14.89 20.76
C VAL A 332 2.46 15.20 20.28
N THR A 333 1.74 16.02 21.03
CA THR A 333 0.36 16.35 20.68
C THR A 333 0.31 17.07 19.35
N TYR A 334 1.26 17.98 19.14
CA TYR A 334 1.40 18.70 17.87
C TYR A 334 1.53 17.74 16.69
N ASP A 335 2.45 16.79 16.81
CA ASP A 335 2.66 15.81 15.78
C ASP A 335 1.42 14.93 15.57
N HIS A 336 0.81 14.49 16.66
CA HIS A 336 -0.40 13.67 16.60
C HIS A 336 -1.54 14.39 15.90
N ALA A 337 -1.63 15.70 16.13
CA ALA A 337 -2.68 16.52 15.53
C ALA A 337 -2.49 16.65 14.02
N ARG A 338 -1.25 16.77 13.60
CA ARG A 338 -0.93 16.91 12.18
C ARG A 338 -1.33 15.66 11.41
N GLN A 339 -0.87 14.52 11.89
CA GLN A 339 -1.17 13.25 11.24
C GLN A 339 -2.67 12.97 11.25
N ALA A 340 -3.35 13.44 12.31
CA ALA A 340 -4.77 13.20 12.50
C ALA A 340 -5.58 13.96 11.48
N LEU A 341 -5.31 15.26 11.34
CA LEU A 341 -6.06 16.08 10.40
C LEU A 341 -5.81 15.59 8.98
N ASP A 342 -4.59 15.12 8.73
CA ASP A 342 -4.24 14.55 7.43
C ASP A 342 -5.10 13.33 7.13
N ARG A 343 -5.08 12.35 8.03
CA ARG A 343 -5.80 11.10 7.85
C ARG A 343 -7.30 11.31 7.64
N VAL A 344 -7.90 12.23 8.40
CA VAL A 344 -9.33 12.48 8.29
C VAL A 344 -9.64 13.16 6.96
N ALA A 345 -8.81 14.14 6.60
CA ALA A 345 -9.00 14.86 5.34
C ALA A 345 -8.91 13.90 4.15
N LEU A 346 -8.00 12.93 4.22
CA LEU A 346 -7.86 11.96 3.13
C LEU A 346 -9.08 11.08 2.99
N LYS A 347 -9.82 10.92 4.09
CA LYS A 347 -10.97 10.01 4.13
C LYS A 347 -12.30 10.67 3.83
N LEU A 348 -12.44 11.95 4.16
CA LEU A 348 -13.74 12.62 4.03
C LEU A 348 -13.81 13.61 2.86
N GLY A 349 -12.65 14.07 2.38
CA GLY A 349 -12.62 14.97 1.25
C GLY A 349 -12.85 16.42 1.62
N GLY A 350 -12.57 17.34 0.69
CA GLY A 350 -12.67 18.76 0.95
C GLY A 350 -14.07 19.30 1.01
N GLU A 351 -14.98 18.68 0.27
CA GLU A 351 -16.38 19.09 0.28
C GLU A 351 -16.96 19.10 1.69
N TYR A 352 -16.48 18.20 2.54
CA TYR A 352 -16.92 18.13 3.92
C TYR A 352 -16.04 18.94 4.88
N LEU A 353 -14.72 18.88 4.69
CA LEU A 353 -13.78 19.48 5.65
C LEU A 353 -13.35 20.92 5.39
N ALA A 354 -13.32 21.35 4.13
CA ALA A 354 -12.74 22.66 3.80
C ALA A 354 -13.43 23.82 4.51
N ALA A 355 -14.76 23.81 4.52
CA ALA A 355 -15.51 24.90 5.12
C ALA A 355 -15.19 25.10 6.62
N PRO A 356 -15.32 24.03 7.46
CA PRO A 356 -15.02 24.27 8.87
C PRO A 356 -13.55 24.57 9.13
N LEU A 357 -12.68 24.01 8.30
CA LEU A 357 -11.26 24.26 8.43
C LEU A 357 -10.96 25.75 8.22
N PHE A 358 -11.49 26.31 7.15
CA PHE A 358 -11.15 27.68 6.78
C PHE A 358 -11.83 28.73 7.64
N GLN A 359 -12.92 28.33 8.31
CA GLN A 359 -13.55 29.20 9.29
C GLN A 359 -12.57 29.59 10.40
N TYR A 360 -11.78 28.61 10.83
CA TYR A 360 -10.78 28.85 11.86
C TYR A 360 -9.51 29.46 11.27
N LEU A 361 -9.14 29.02 10.08
CA LEU A 361 -7.94 29.51 9.42
C LEU A 361 -8.01 31.02 9.22
N GLN A 362 -9.18 31.49 8.79
CA GLN A 362 -9.42 32.91 8.60
C GLN A 362 -9.08 33.66 9.88
N GLN A 363 -9.46 33.05 11.00
CA GLN A 363 -9.36 33.68 12.31
C GLN A 363 -7.96 33.60 12.90
N MET A 364 -7.31 32.46 12.72
CA MET A 364 -6.04 32.20 13.38
C MET A 364 -4.85 32.92 12.75
N ILE A 365 -4.95 33.23 11.45
CA ILE A 365 -3.84 33.89 10.76
C ILE A 365 -3.64 35.32 11.23
N THR A 366 -4.66 35.88 11.89
CA THR A 366 -4.62 37.28 12.28
C THR A 366 -4.24 37.48 13.75
N SER A 367 -4.39 36.41 14.54
CA SER A 367 -4.07 36.40 15.97
C SER A 367 -2.68 36.95 16.32
N THR A 368 -2.52 37.42 17.55
CA THR A 368 -1.19 37.87 18.00
C THR A 368 -0.45 36.71 18.63
N GLU A 369 -1.19 35.68 19.02
CA GLU A 369 -0.60 34.41 19.41
C GLU A 369 0.07 33.84 18.18
N TRP A 370 1.40 33.93 18.13
CA TRP A 370 2.11 33.44 16.95
C TRP A 370 1.87 31.95 16.77
N ARG A 371 1.69 31.23 17.86
CA ARG A 371 1.43 29.79 17.79
C ARG A 371 0.16 29.47 17.03
N GLU A 372 -0.77 30.41 16.97
CA GLU A 372 -2.01 30.15 16.26
C GLU A 372 -1.84 30.46 14.79
N ARG A 373 -0.98 31.42 14.49
CA ARG A 373 -0.66 31.74 13.11
C ARG A 373 0.16 30.59 12.53
N PHE A 374 1.08 30.07 13.33
CA PHE A 374 1.85 28.88 12.98
C PHE A 374 0.92 27.69 12.73
N ALA A 375 0.06 27.40 13.71
CA ALA A 375 -0.83 26.25 13.65
C ALA A 375 -1.76 26.29 12.44
N ALA A 376 -2.19 27.49 12.06
CA ALA A 376 -3.03 27.65 10.88
C ALA A 376 -2.30 27.17 9.62
N MET A 377 -1.00 27.44 9.56
CA MET A 377 -0.19 27.06 8.42
C MET A 377 -0.04 25.53 8.37
N MET A 378 0.29 24.93 9.50
CA MET A 378 0.53 23.50 9.52
C MET A 378 -0.77 22.73 9.26
N ALA A 379 -1.88 23.26 9.75
CA ALA A 379 -3.18 22.61 9.55
C ALA A 379 -3.56 22.57 8.06
N LEU A 380 -3.40 23.71 7.39
CA LEU A 380 -3.63 23.77 5.96
C LEU A 380 -2.72 22.78 5.23
N SER A 381 -1.49 22.66 5.72
CA SER A 381 -0.51 21.75 5.14
C SER A 381 -0.94 20.29 5.25
N SER A 382 -1.60 19.94 6.34
CA SER A 382 -2.02 18.55 6.56
C SER A 382 -3.30 18.21 5.81
N ALA A 383 -4.15 19.21 5.60
CA ALA A 383 -5.46 18.96 5.04
C ALA A 383 -5.47 19.12 3.54
N ALA A 384 -4.42 19.74 3.01
CA ALA A 384 -4.38 20.13 1.62
C ALA A 384 -4.59 18.95 0.69
N GLU A 385 -3.87 17.86 0.92
CA GLU A 385 -3.97 16.72 0.01
C GLU A 385 -5.39 16.15 -0.03
N GLY A 386 -5.96 15.91 1.14
CA GLY A 386 -7.28 15.30 1.25
C GLY A 386 -8.41 16.23 0.87
N CYS A 387 -8.20 17.53 0.98
CA CYS A 387 -9.19 18.51 0.58
C CYS A 387 -8.87 19.09 -0.79
N ALA A 388 -7.98 18.41 -1.53
CA ALA A 388 -7.47 18.95 -2.79
C ALA A 388 -8.57 19.18 -3.80
N ASP A 389 -9.53 18.25 -3.87
CA ASP A 389 -10.63 18.30 -4.81
C ASP A 389 -11.35 19.65 -4.85
N VAL A 390 -11.34 20.34 -3.71
CA VAL A 390 -11.99 21.63 -3.56
C VAL A 390 -10.98 22.77 -3.58
N LEU A 391 -9.92 22.64 -2.77
CA LEU A 391 -8.96 23.71 -2.57
C LEU A 391 -8.14 24.03 -3.81
N ILE A 392 -8.15 23.13 -4.80
CA ILE A 392 -7.37 23.33 -6.02
C ILE A 392 -7.93 24.46 -6.87
N GLY A 393 -9.17 24.87 -6.59
CA GLY A 393 -9.80 25.96 -7.30
C GLY A 393 -9.83 27.23 -6.48
N GLU A 394 -9.45 27.12 -5.20
CA GLU A 394 -9.47 28.28 -4.33
C GLU A 394 -8.04 28.70 -4.09
N ILE A 395 -7.22 28.57 -5.13
CA ILE A 395 -5.78 28.66 -4.99
C ILE A 395 -5.25 30.12 -4.92
N PRO A 396 -5.86 31.09 -5.64
CA PRO A 396 -5.35 32.43 -5.31
C PRO A 396 -5.72 32.94 -3.90
N LYS A 397 -6.90 32.57 -3.36
CA LYS A 397 -7.29 32.95 -2.00
C LYS A 397 -6.33 32.38 -0.97
N ILE A 398 -6.01 31.10 -1.12
CA ILE A 398 -5.06 30.43 -0.23
C ILE A 398 -3.74 31.19 -0.22
N LEU A 399 -3.22 31.50 -1.40
CA LEU A 399 -1.98 32.25 -1.49
C LEU A 399 -2.14 33.66 -0.90
N ASP A 400 -3.32 34.26 -1.07
CA ASP A 400 -3.59 35.57 -0.49
C ASP A 400 -3.53 35.52 1.03
N MET A 401 -3.91 34.38 1.61
CA MET A 401 -3.86 34.18 3.05
C MET A 401 -2.45 33.90 3.55
N VAL A 402 -1.82 32.95 2.89
CA VAL A 402 -0.56 32.38 3.33
C VAL A 402 0.63 33.30 3.07
N ILE A 403 0.74 33.80 1.85
CA ILE A 403 1.92 34.58 1.45
C ILE A 403 2.24 35.81 2.33
N PRO A 404 1.22 36.57 2.78
CA PRO A 404 1.58 37.69 3.67
C PRO A 404 2.27 37.26 4.97
N LEU A 405 2.04 36.03 5.40
CA LEU A 405 2.67 35.55 6.63
C LEU A 405 4.14 35.19 6.45
N ILE A 406 4.63 35.25 5.22
CA ILE A 406 5.98 34.77 4.97
C ILE A 406 7.01 35.71 5.57
N ASN A 407 6.59 36.93 5.90
CA ASN A 407 7.49 37.84 6.60
C ASN A 407 7.00 38.17 8.01
N ASP A 408 6.28 37.22 8.61
CA ASP A 408 5.81 37.34 9.99
C ASP A 408 6.97 37.63 10.93
N PRO A 409 6.75 38.45 11.96
CA PRO A 409 7.82 38.77 12.91
C PRO A 409 8.42 37.54 13.57
N HIS A 410 7.60 36.51 13.79
CA HIS A 410 8.08 35.29 14.41
C HIS A 410 8.59 34.30 13.37
N PRO A 411 9.86 33.87 13.52
CA PRO A 411 10.50 32.97 12.54
C PRO A 411 9.85 31.59 12.46
N ARG A 412 9.06 31.19 13.46
CA ARG A 412 8.44 29.87 13.36
C ARG A 412 7.15 29.96 12.55
N VAL A 413 6.56 31.16 12.49
CA VAL A 413 5.42 31.37 11.61
C VAL A 413 5.88 31.40 10.16
N GLN A 414 7.01 32.05 9.92
CA GLN A 414 7.60 32.09 8.58
C GLN A 414 7.85 30.69 8.07
N TYR A 415 8.52 29.89 8.90
CA TYR A 415 8.77 28.49 8.64
C TYR A 415 7.47 27.78 8.24
N GLY A 416 6.42 28.01 9.02
CA GLY A 416 5.11 27.46 8.74
C GLY A 416 4.62 27.83 7.36
N CYS A 417 4.81 29.09 7.00
CA CYS A 417 4.34 29.56 5.69
C CYS A 417 5.15 28.91 4.56
N CYS A 418 6.44 28.73 4.79
CA CYS A 418 7.25 27.97 3.83
C CYS A 418 6.72 26.55 3.72
N ASN A 419 6.31 25.99 4.85
CA ASN A 419 5.78 24.63 4.85
C ASN A 419 4.58 24.49 3.93
N VAL A 420 3.62 25.39 4.08
CA VAL A 420 2.40 25.33 3.28
C VAL A 420 2.69 25.43 1.79
N LEU A 421 3.51 26.41 1.41
CA LEU A 421 3.86 26.64 0.01
C LEU A 421 4.50 25.41 -0.60
N GLY A 422 5.34 24.74 0.18
CA GLY A 422 5.95 23.51 -0.26
C GLY A 422 4.92 22.39 -0.38
N GLN A 423 4.14 22.20 0.68
CA GLN A 423 3.15 21.13 0.73
C GLN A 423 2.15 21.21 -0.42
N ILE A 424 1.55 22.38 -0.62
CA ILE A 424 0.55 22.52 -1.67
C ILE A 424 1.18 22.47 -3.06
N SER A 425 2.49 22.72 -3.15
CA SER A 425 3.21 22.54 -4.42
C SER A 425 3.21 21.07 -4.82
N THR A 426 3.15 20.18 -3.84
CA THR A 426 3.02 18.76 -4.14
C THR A 426 1.56 18.38 -4.41
N ASP A 427 0.67 18.80 -3.53
CA ASP A 427 -0.71 18.31 -3.53
C ASP A 427 -1.57 18.91 -4.65
N PHE A 428 -1.23 20.12 -5.08
CA PHE A 428 -1.98 20.80 -6.14
C PHE A 428 -1.25 20.73 -7.49
N SER A 429 -0.17 19.97 -7.54
CA SER A 429 0.63 19.83 -8.76
C SER A 429 -0.14 19.08 -9.84
N PRO A 430 0.19 19.33 -11.12
CA PRO A 430 1.13 20.35 -11.63
C PRO A 430 0.47 21.70 -11.88
N PHE A 431 -0.79 21.84 -11.48
CA PHE A 431 -1.56 23.05 -11.79
C PHE A 431 -1.03 24.26 -11.05
N ILE A 432 -0.57 24.05 -9.83
CA ILE A 432 -0.06 25.17 -9.06
C ILE A 432 1.29 25.64 -9.63
N GLN A 433 2.04 24.74 -10.26
CA GLN A 433 3.30 25.14 -10.88
C GLN A 433 3.04 26.02 -12.09
N ARG A 434 2.00 25.69 -12.85
CA ARG A 434 1.65 26.45 -14.06
C ARG A 434 1.00 27.79 -13.78
N THR A 435 0.38 27.95 -12.61
CA THR A 435 -0.48 29.10 -12.40
C THR A 435 -0.11 29.97 -11.19
N ALA A 436 0.88 29.56 -10.42
CA ALA A 436 1.24 30.33 -9.24
C ALA A 436 2.75 30.51 -9.09
N HIS A 437 3.50 30.13 -10.12
CA HIS A 437 4.96 30.23 -10.07
C HIS A 437 5.42 31.67 -9.90
N ASP A 438 4.64 32.61 -10.42
CA ASP A 438 4.95 34.03 -10.31
C ASP A 438 4.74 34.57 -8.90
N ARG A 439 4.08 33.79 -8.04
CA ARG A 439 3.87 34.20 -6.65
C ARG A 439 4.69 33.36 -5.68
N ILE A 440 4.72 32.05 -5.91
CA ILE A 440 5.35 31.13 -4.97
C ILE A 440 6.88 31.23 -5.01
N LEU A 441 7.44 31.28 -6.21
CA LEU A 441 8.88 31.35 -6.33
C LEU A 441 9.47 32.64 -5.75
N PRO A 442 8.90 33.82 -6.07
CA PRO A 442 9.48 35.02 -5.44
C PRO A 442 9.37 35.02 -3.91
N ALA A 443 8.31 34.41 -3.38
CA ALA A 443 8.11 34.35 -1.94
C ALA A 443 9.12 33.43 -1.28
N LEU A 444 9.35 32.27 -1.89
CA LEU A 444 10.31 31.32 -1.34
C LEU A 444 11.75 31.85 -1.47
N ILE A 445 12.08 32.35 -2.66
CA ILE A 445 13.40 32.91 -2.93
C ILE A 445 13.75 34.01 -1.93
N SER A 446 12.73 34.80 -1.55
CA SER A 446 12.95 35.90 -0.62
C SER A 446 13.36 35.42 0.77
N LYS A 447 13.04 34.17 1.09
CA LYS A 447 13.34 33.65 2.42
C LYS A 447 14.71 32.97 2.43
N LEU A 448 15.39 33.01 1.29
CA LEU A 448 16.70 32.38 1.17
C LEU A 448 17.81 33.30 1.61
N THR A 449 17.55 34.61 1.53
CA THR A 449 18.50 35.60 2.04
C THR A 449 18.96 35.28 3.49
N SER A 450 20.19 35.68 3.82
CA SER A 450 20.81 35.49 5.13
C SER A 450 20.19 36.44 6.17
N GLU A 451 19.17 37.19 5.78
CA GLU A 451 18.38 37.98 6.72
C GLU A 451 17.59 37.08 7.67
N CYS A 452 17.04 36.00 7.11
CA CYS A 452 16.22 35.06 7.85
C CYS A 452 17.10 34.14 8.67
N THR A 453 16.52 33.52 9.69
CA THR A 453 17.23 32.55 10.49
C THR A 453 17.55 31.30 9.66
N SER A 454 18.50 30.51 10.15
CA SER A 454 18.89 29.28 9.46
C SER A 454 17.69 28.37 9.19
N ARG A 455 16.83 28.19 10.19
CA ARG A 455 15.66 27.32 10.04
C ARG A 455 14.72 27.72 8.91
N VAL A 456 14.48 29.02 8.76
CA VAL A 456 13.59 29.50 7.70
C VAL A 456 14.26 29.40 6.33
N GLN A 457 15.52 29.79 6.24
CA GLN A 457 16.29 29.62 5.00
C GLN A 457 16.20 28.17 4.53
N THR A 458 16.47 27.25 5.44
CA THR A 458 16.49 25.84 5.12
C THR A 458 15.13 25.33 4.68
N HIS A 459 14.07 25.76 5.34
CA HIS A 459 12.75 25.25 5.01
C HIS A 459 12.25 25.84 3.71
N ALA A 460 12.62 27.10 3.44
CA ALA A 460 12.28 27.69 2.17
C ALA A 460 12.91 26.86 1.06
N ALA A 461 14.15 26.45 1.30
CA ALA A 461 14.92 25.64 0.37
C ALA A 461 14.27 24.28 0.18
N ALA A 462 13.69 23.75 1.24
CA ALA A 462 13.04 22.45 1.16
C ALA A 462 11.78 22.60 0.28
N ALA A 463 11.01 23.65 0.53
CA ALA A 463 9.80 23.90 -0.23
C ALA A 463 10.10 23.99 -1.73
N LEU A 464 11.26 24.54 -2.07
CA LEU A 464 11.68 24.61 -3.46
C LEU A 464 11.88 23.24 -4.10
N VAL A 465 12.22 22.23 -3.29
CA VAL A 465 12.28 20.87 -3.81
C VAL A 465 10.89 20.43 -4.25
N ASN A 466 9.91 20.65 -3.39
CA ASN A 466 8.53 20.30 -3.69
C ASN A 466 8.04 20.93 -4.97
N PHE A 467 8.32 22.21 -5.14
CA PHE A 467 7.82 22.93 -6.30
C PHE A 467 8.46 22.38 -7.57
N SER A 468 9.79 22.27 -7.54
CA SER A 468 10.58 21.83 -8.69
C SER A 468 10.15 20.51 -9.26
N GLU A 469 9.75 19.59 -8.39
CA GLU A 469 9.46 18.23 -8.79
C GLU A 469 8.44 18.13 -9.92
N PHE A 470 7.58 19.13 -10.04
CA PHE A 470 6.54 19.09 -11.06
C PHE A 470 6.49 20.38 -11.87
N ALA A 471 7.56 21.17 -11.77
CA ALA A 471 7.72 22.36 -12.60
C ALA A 471 8.55 22.01 -13.83
N SER A 472 8.05 22.36 -15.01
CA SER A 472 8.79 22.13 -16.25
C SER A 472 10.00 23.04 -16.34
N LYS A 473 10.96 22.68 -17.18
CA LYS A 473 12.17 23.49 -17.29
C LYS A 473 11.85 24.90 -17.81
N ASP A 474 10.82 25.03 -18.62
CA ASP A 474 10.47 26.32 -19.20
C ASP A 474 9.92 27.28 -18.15
N ILE A 475 9.22 26.74 -17.17
CA ILE A 475 8.70 27.55 -16.07
C ILE A 475 9.84 28.02 -15.16
N LEU A 476 10.83 27.17 -14.93
CA LEU A 476 11.93 27.50 -14.01
C LEU A 476 12.99 28.43 -14.62
N GLU A 477 13.17 28.38 -15.94
CA GLU A 477 14.30 29.07 -16.58
C GLU A 477 14.54 30.54 -16.17
N PRO A 478 13.47 31.37 -16.09
CA PRO A 478 13.78 32.75 -15.68
C PRO A 478 14.10 32.90 -14.19
N TYR A 479 13.86 31.87 -13.40
CA TYR A 479 14.14 31.94 -11.97
C TYR A 479 15.45 31.26 -11.60
N LEU A 480 16.04 30.56 -12.55
CA LEU A 480 17.19 29.71 -12.25
C LEU A 480 18.37 30.48 -11.66
N ASP A 481 18.72 31.60 -12.26
CA ASP A 481 19.90 32.32 -11.80
C ASP A 481 19.69 32.85 -10.40
N SER A 482 18.54 33.49 -10.17
CA SER A 482 18.18 33.98 -8.85
C SER A 482 18.21 32.86 -7.80
N LEU A 483 17.59 31.73 -8.13
CA LEU A 483 17.58 30.57 -7.26
C LEU A 483 18.98 30.12 -6.87
N LEU A 484 19.83 29.94 -7.86
CA LEU A 484 21.17 29.40 -7.64
C LEU A 484 22.11 30.37 -6.90
N THR A 485 22.12 31.65 -7.28
CA THR A 485 22.96 32.63 -6.58
C THR A 485 22.66 32.61 -5.09
N ASN A 486 21.38 32.57 -4.74
CA ASN A 486 20.95 32.47 -3.35
C ASN A 486 21.36 31.18 -2.66
N LEU A 487 21.15 30.06 -3.34
CA LEU A 487 21.48 28.76 -2.76
C LEU A 487 22.98 28.62 -2.53
N LEU A 488 23.80 29.20 -3.42
CA LEU A 488 25.24 29.20 -3.20
C LEU A 488 25.60 29.86 -1.88
N VAL A 489 24.79 30.83 -1.45
CA VAL A 489 25.04 31.49 -0.18
C VAL A 489 24.70 30.57 0.98
N LEU A 490 23.61 29.81 0.85
CA LEU A 490 23.25 28.84 1.86
C LEU A 490 24.35 27.80 1.97
N LEU A 491 25.06 27.60 0.85
CA LEU A 491 26.10 26.60 0.76
C LEU A 491 27.32 26.99 1.61
N GLN A 492 27.41 28.28 1.94
CA GLN A 492 28.52 28.79 2.74
C GLN A 492 28.15 28.97 4.20
N SER A 493 27.06 28.32 4.63
CA SER A 493 26.64 28.41 6.02
C SER A 493 27.60 27.66 6.94
N ASN A 494 27.66 28.08 8.20
CA ASN A 494 28.50 27.40 9.17
C ASN A 494 27.68 26.32 9.84
N LYS A 495 26.38 26.33 9.55
CA LYS A 495 25.45 25.31 10.06
C LYS A 495 25.28 24.20 9.05
N LEU A 496 25.68 23.00 9.46
CA LEU A 496 25.77 21.84 8.58
C LEU A 496 24.45 21.49 7.87
N TYR A 497 23.33 21.59 8.57
CA TYR A 497 22.06 21.18 7.99
C TYR A 497 21.59 22.16 6.92
N VAL A 498 22.14 23.38 6.95
CA VAL A 498 21.82 24.36 5.92
C VAL A 498 22.53 24.01 4.62
N GLN A 499 23.79 23.62 4.76
CA GLN A 499 24.58 23.18 3.60
C GLN A 499 23.95 21.97 2.95
N GLU A 500 23.58 21.00 3.77
CA GLU A 500 23.01 19.73 3.30
C GLU A 500 21.75 19.98 2.49
N GLN A 501 20.92 20.89 2.96
CA GLN A 501 19.67 21.21 2.28
C GLN A 501 19.94 21.92 0.97
N ALA A 502 20.79 22.94 1.02
CA ALA A 502 21.22 23.66 -0.18
C ALA A 502 21.64 22.71 -1.30
N LEU A 503 22.47 21.73 -0.97
CA LEU A 503 22.89 20.75 -1.96
C LEU A 503 21.70 20.01 -2.55
N THR A 504 20.83 19.49 -1.69
CA THR A 504 19.66 18.74 -2.14
C THR A 504 18.73 19.59 -3.01
N THR A 505 18.50 20.83 -2.60
CA THR A 505 17.63 21.72 -3.34
C THR A 505 18.18 22.04 -4.74
N ILE A 506 19.48 22.32 -4.80
CA ILE A 506 20.12 22.57 -6.08
C ILE A 506 19.98 21.36 -7.00
N ALA A 507 20.24 20.19 -6.43
CA ALA A 507 20.13 18.92 -7.14
C ALA A 507 18.80 18.75 -7.85
N PHE A 508 17.72 18.95 -7.13
CA PHE A 508 16.41 18.67 -7.68
C PHE A 508 15.89 19.83 -8.52
N ILE A 509 16.50 21.00 -8.34
CA ILE A 509 16.23 22.10 -9.26
C ILE A 509 16.90 21.77 -10.58
N ALA A 510 18.12 21.27 -10.49
CA ALA A 510 18.87 20.84 -11.65
C ALA A 510 18.12 19.73 -12.40
N GLU A 511 17.58 18.78 -11.65
CA GLU A 511 16.83 17.67 -12.24
C GLU A 511 15.63 18.16 -13.06
N ALA A 512 14.95 19.18 -12.58
CA ALA A 512 13.80 19.71 -13.29
C ALA A 512 14.26 20.61 -14.44
N ALA A 513 15.37 21.31 -14.23
CA ALA A 513 15.86 22.27 -15.23
C ALA A 513 16.42 21.57 -16.46
N LYS A 514 16.94 20.36 -16.28
CA LYS A 514 17.50 19.58 -17.38
C LYS A 514 18.52 20.37 -18.18
N ASN A 515 18.34 20.46 -19.49
CA ASN A 515 19.33 21.12 -20.36
C ASN A 515 19.42 22.62 -20.12
N LYS A 516 18.42 23.18 -19.43
CA LYS A 516 18.49 24.58 -19.02
C LYS A 516 19.53 24.77 -17.92
N PHE A 517 20.04 23.68 -17.38
CA PHE A 517 21.02 23.78 -16.32
C PHE A 517 22.45 23.87 -16.83
N ILE A 518 22.67 23.51 -18.10
CA ILE A 518 24.01 23.45 -18.68
C ILE A 518 24.84 24.71 -18.43
N LYS A 519 24.20 25.89 -18.48
CA LYS A 519 24.92 27.13 -18.29
C LYS A 519 25.36 27.36 -16.84
N TYR A 520 24.89 26.53 -15.92
CA TYR A 520 25.25 26.68 -14.51
C TYR A 520 26.27 25.63 -14.05
N TYR A 521 26.54 24.66 -14.91
CA TYR A 521 27.44 23.56 -14.58
C TYR A 521 28.83 24.06 -14.19
N ASP A 522 29.37 25.00 -14.96
CA ASP A 522 30.73 25.49 -14.73
C ASP A 522 30.90 26.21 -13.40
N THR A 523 29.83 26.81 -12.88
CA THR A 523 29.96 27.57 -11.63
C THR A 523 29.76 26.67 -10.43
N LEU A 524 29.05 25.56 -10.63
CA LEU A 524 28.65 24.71 -9.52
C LEU A 524 29.59 23.54 -9.27
N MET A 525 29.86 22.78 -10.33
CA MET A 525 30.67 21.58 -10.23
C MET A 525 31.99 21.76 -9.49
N PRO A 526 32.70 22.88 -9.69
CA PRO A 526 33.91 23.08 -8.88
C PRO A 526 33.61 23.22 -7.39
N LEU A 527 32.52 23.89 -7.04
CA LEU A 527 32.16 24.08 -5.65
C LEU A 527 31.80 22.73 -5.00
N LEU A 528 31.29 21.82 -5.81
CA LEU A 528 30.93 20.49 -5.33
C LEU A 528 32.17 19.66 -5.08
N LEU A 529 33.07 19.65 -6.06
CA LEU A 529 34.31 18.91 -5.96
C LEU A 529 35.12 19.35 -4.73
N ASN A 530 35.19 20.66 -4.51
CA ASN A 530 35.87 21.18 -3.33
C ASN A 530 35.26 20.66 -2.04
N VAL A 531 33.94 20.53 -2.03
CA VAL A 531 33.25 19.97 -0.86
C VAL A 531 33.66 18.52 -0.66
N LEU A 532 33.72 17.75 -1.75
CA LEU A 532 34.04 16.34 -1.69
C LEU A 532 35.50 16.03 -1.35
N LYS A 533 36.40 16.93 -1.73
CA LYS A 533 37.83 16.69 -1.58
C LYS A 533 38.37 17.13 -0.22
N VAL A 534 37.49 17.66 0.63
CA VAL A 534 37.88 18.08 1.97
C VAL A 534 38.58 16.98 2.76
N ASN A 539 30.71 14.54 8.60
CA ASN A 539 30.44 15.18 7.32
C ASN A 539 30.18 14.17 6.20
N SER A 540 29.72 12.98 6.60
CA SER A 540 29.42 11.89 5.67
C SER A 540 28.19 12.18 4.82
N VAL A 541 27.11 12.62 5.46
CA VAL A 541 25.87 12.95 4.76
C VAL A 541 26.08 14.06 3.74
N LEU A 542 26.79 15.12 4.16
CA LEU A 542 27.14 16.22 3.26
C LEU A 542 27.77 15.70 1.98
N LYS A 543 28.75 14.83 2.11
CA LYS A 543 29.42 14.27 0.95
C LYS A 543 28.44 13.43 0.12
N GLY A 544 27.65 12.61 0.79
CA GLY A 544 26.64 11.80 0.12
C GLY A 544 25.66 12.63 -0.68
N LYS A 545 25.15 13.70 -0.06
CA LYS A 545 24.24 14.62 -0.75
C LYS A 545 24.98 15.37 -1.85
N CYS A 546 26.22 15.70 -1.59
CA CYS A 546 27.04 16.39 -2.58
C CYS A 546 27.31 15.51 -3.80
N MET A 547 27.41 14.21 -3.58
CA MET A 547 27.63 13.27 -4.68
C MET A 547 26.33 13.07 -5.44
N GLU A 548 25.21 13.08 -4.70
CA GLU A 548 23.91 13.01 -5.32
C GLU A 548 23.65 14.22 -6.21
N CYS A 549 23.91 15.40 -5.66
CA CYS A 549 23.73 16.63 -6.42
C CYS A 549 24.58 16.63 -7.69
N ALA A 550 25.81 16.15 -7.57
CA ALA A 550 26.74 16.14 -8.68
C ALA A 550 26.25 15.27 -9.84
N THR A 551 25.78 14.06 -9.51
CA THR A 551 25.31 13.13 -10.54
C THR A 551 23.92 13.50 -11.08
N LEU A 552 23.08 14.12 -10.26
CA LEU A 552 21.79 14.60 -10.76
C LEU A 552 22.04 15.75 -11.74
N ILE A 553 22.97 16.64 -11.40
CA ILE A 553 23.40 17.67 -12.33
C ILE A 553 23.92 17.03 -13.62
N GLY A 554 24.72 15.99 -13.46
CA GLY A 554 25.30 15.31 -14.60
C GLY A 554 24.24 14.73 -15.51
N PHE A 555 23.16 14.22 -14.92
CA PHE A 555 22.09 13.63 -15.69
C PHE A 555 21.29 14.70 -16.39
N ALA A 556 21.22 15.87 -15.75
CA ALA A 556 20.48 16.99 -16.33
C ALA A 556 21.18 17.51 -17.57
N VAL A 557 22.47 17.80 -17.45
CA VAL A 557 23.20 18.46 -18.53
C VAL A 557 23.55 17.52 -19.66
N GLY A 558 23.48 16.23 -19.41
CA GLY A 558 23.85 15.26 -20.43
C GLY A 558 25.27 14.73 -20.28
N LYS A 559 25.62 13.77 -21.13
CA LYS A 559 26.88 13.04 -21.03
C LYS A 559 28.08 13.90 -21.37
N GLU A 560 27.99 14.66 -22.46
CA GLU A 560 29.12 15.45 -22.95
C GLU A 560 29.59 16.49 -21.95
N LYS A 561 28.69 17.26 -21.38
CA LYS A 561 29.08 18.24 -20.38
C LYS A 561 29.60 17.53 -19.14
N PHE A 562 28.96 16.42 -18.77
CA PHE A 562 29.30 15.68 -17.58
C PHE A 562 30.71 15.11 -17.66
N HIS A 563 31.14 14.81 -18.88
CA HIS A 563 32.44 14.17 -19.12
C HIS A 563 33.60 15.08 -18.72
N GLU A 564 33.33 16.36 -18.54
CA GLU A 564 34.34 17.31 -18.07
C GLU A 564 34.82 16.99 -16.66
N HIS A 565 34.00 16.33 -15.86
CA HIS A 565 34.38 16.02 -14.49
C HIS A 565 34.08 14.59 -14.05
N SER A 566 33.70 13.74 -14.99
CA SER A 566 33.22 12.40 -14.65
C SER A 566 34.32 11.50 -14.06
N GLN A 567 35.50 11.48 -14.65
CA GLN A 567 36.53 10.57 -14.15
C GLN A 567 37.04 10.98 -12.77
N GLU A 568 37.19 12.28 -12.53
CA GLU A 568 37.59 12.74 -11.21
C GLU A 568 36.50 12.38 -10.19
N LEU A 569 35.26 12.66 -10.57
CA LEU A 569 34.10 12.35 -9.74
C LEU A 569 34.03 10.87 -9.39
N ILE A 570 34.25 10.03 -10.39
CA ILE A 570 34.30 8.58 -10.19
C ILE A 570 35.43 8.18 -9.23
N SER A 571 36.60 8.81 -9.34
CA SER A 571 37.71 8.49 -8.46
C SER A 571 37.38 8.84 -7.03
N ILE A 572 36.55 9.87 -6.84
CA ILE A 572 36.16 10.28 -5.51
C ILE A 572 35.11 9.33 -4.94
N LEU A 573 34.21 8.88 -5.82
CA LEU A 573 33.24 7.85 -5.46
C LEU A 573 33.97 6.62 -4.95
N VAL A 574 34.96 6.17 -5.72
CA VAL A 574 35.73 4.99 -5.35
C VAL A 574 36.34 5.18 -3.97
N ALA A 575 36.91 6.35 -3.73
CA ALA A 575 37.48 6.65 -2.42
C ALA A 575 36.44 6.55 -1.30
N LEU A 576 35.25 7.13 -1.53
CA LEU A 576 34.20 7.10 -0.53
C LEU A 576 33.69 5.68 -0.26
N GLN A 577 33.54 4.90 -1.33
CA GLN A 577 32.93 3.58 -1.24
C GLN A 577 33.77 2.57 -0.48
N ASN A 578 35.07 2.57 -0.75
CA ASN A 578 35.97 1.58 -0.18
C ASN A 578 36.81 2.10 0.99
N SER A 579 36.29 3.12 1.67
CA SER A 579 37.01 3.69 2.82
C SER A 579 36.77 2.85 4.07
N ASP A 585 26.67 4.78 6.90
CA ASP A 585 25.60 3.83 6.60
C ASP A 585 24.51 4.48 5.75
N ALA A 586 24.29 5.77 5.97
CA ALA A 586 23.40 6.54 5.10
C ALA A 586 24.20 6.98 3.88
N LEU A 587 25.52 7.04 4.03
CA LEU A 587 26.40 7.41 2.94
C LEU A 587 26.37 6.36 1.84
N ARG A 588 26.30 5.10 2.23
CA ARG A 588 26.31 3.98 1.28
C ARG A 588 25.14 4.07 0.32
N SER A 589 24.00 4.55 0.80
CA SER A 589 22.83 4.65 -0.05
C SER A 589 23.02 5.72 -1.12
N TYR A 590 23.54 6.88 -0.71
CA TYR A 590 23.84 7.93 -1.68
C TYR A 590 24.83 7.46 -2.75
N LEU A 591 25.86 6.73 -2.32
CA LEU A 591 26.88 6.22 -3.23
C LEU A 591 26.31 5.24 -4.25
N GLU A 592 25.52 4.30 -3.78
CA GLU A 592 24.93 3.29 -4.65
C GLU A 592 24.06 3.93 -5.72
N GLN A 593 23.32 4.95 -5.33
CA GLN A 593 22.42 5.63 -6.24
C GLN A 593 23.20 6.47 -7.24
N SER A 594 24.30 7.07 -6.77
CA SER A 594 25.14 7.87 -7.65
C SER A 594 25.79 7.02 -8.72
N TRP A 595 26.32 5.86 -8.32
CA TRP A 595 26.84 4.90 -9.29
C TRP A 595 25.81 4.60 -10.36
N SER A 596 24.60 4.31 -9.92
CA SER A 596 23.54 3.90 -10.83
C SER A 596 23.15 5.04 -11.76
N ARG A 597 23.29 6.26 -11.27
CA ARG A 597 22.91 7.40 -12.07
C ARG A 597 24.00 7.69 -13.11
N ILE A 598 25.25 7.43 -12.71
CA ILE A 598 26.38 7.57 -13.62
C ILE A 598 26.26 6.58 -14.78
N CYS A 599 25.72 5.40 -14.47
CA CYS A 599 25.48 4.39 -15.49
C CYS A 599 24.43 4.86 -16.50
N ARG A 600 23.43 5.58 -16.00
CA ARG A 600 22.40 6.14 -16.86
C ARG A 600 23.01 7.16 -17.81
N ILE A 601 23.95 7.93 -17.28
CA ILE A 601 24.61 8.97 -18.05
C ILE A 601 25.59 8.38 -19.07
N LEU A 602 26.56 7.60 -18.60
CA LEU A 602 27.62 7.14 -19.50
C LEU A 602 27.14 6.04 -20.45
N GLY A 603 25.99 5.44 -20.16
CA GLY A 603 25.50 4.34 -20.97
C GLY A 603 26.45 3.16 -21.00
N ASP A 604 26.80 2.72 -22.20
CA ASP A 604 27.67 1.55 -22.37
C ASP A 604 29.08 1.76 -21.87
N ASP A 605 29.47 3.02 -21.71
CA ASP A 605 30.82 3.36 -21.28
C ASP A 605 31.01 3.04 -19.80
N PHE A 606 29.92 2.67 -19.14
CA PHE A 606 29.94 2.33 -17.73
C PHE A 606 30.48 0.92 -17.50
N VAL A 607 30.35 0.06 -18.52
CA VAL A 607 30.67 -1.36 -18.43
C VAL A 607 31.99 -1.69 -17.71
N PRO A 608 33.08 -0.92 -17.99
CA PRO A 608 34.30 -1.21 -17.24
C PRO A 608 34.21 -0.97 -15.74
N LEU A 609 33.12 -0.36 -15.26
CA LEU A 609 32.99 -0.02 -13.84
C LEU A 609 32.17 -1.05 -13.06
N LEU A 610 31.60 -2.01 -13.78
CA LEU A 610 30.82 -3.06 -13.14
C LEU A 610 31.60 -3.86 -12.09
N PRO A 611 32.88 -4.23 -12.38
CA PRO A 611 33.58 -4.99 -11.34
C PRO A 611 33.73 -4.25 -10.01
N ILE A 612 33.48 -2.95 -10.00
CA ILE A 612 33.53 -2.15 -8.77
C ILE A 612 32.17 -2.06 -8.12
N VAL A 613 31.15 -1.93 -8.96
CA VAL A 613 29.80 -1.61 -8.50
C VAL A 613 28.99 -2.85 -8.13
N ILE A 614 29.08 -3.89 -8.94
CA ILE A 614 28.22 -5.06 -8.77
C ILE A 614 28.52 -5.93 -7.53
N PRO A 615 29.80 -6.27 -7.28
CA PRO A 615 30.06 -7.15 -6.12
C PRO A 615 29.50 -6.68 -4.76
N PRO A 616 29.59 -5.38 -4.42
CA PRO A 616 28.93 -5.00 -3.17
C PRO A 616 27.44 -5.33 -3.17
N LEU A 617 26.78 -5.07 -4.30
CA LEU A 617 25.35 -5.34 -4.46
C LEU A 617 25.03 -6.83 -4.34
N LEU A 618 25.85 -7.66 -4.99
CA LEU A 618 25.65 -9.10 -4.97
C LEU A 618 25.61 -9.63 -3.53
N ILE A 619 26.45 -9.07 -2.67
CA ILE A 619 26.49 -9.47 -1.27
C ILE A 619 25.18 -9.12 -0.57
N THR A 620 24.80 -7.85 -0.60
CA THR A 620 23.58 -7.39 0.06
C THR A 620 22.34 -8.09 -0.49
N ALA A 621 22.34 -8.36 -1.80
CA ALA A 621 21.19 -8.98 -2.43
C ALA A 621 21.08 -10.48 -2.12
N LYS A 622 22.17 -11.07 -1.62
CA LYS A 622 22.19 -12.49 -1.29
C LYS A 622 21.85 -12.73 0.18
N ALA A 623 21.38 -11.70 0.86
CA ALA A 623 21.07 -11.78 2.28
C ALA A 623 20.05 -12.87 2.54
N THR A 624 20.35 -13.75 3.50
CA THR A 624 19.42 -14.77 3.93
C THR A 624 18.41 -14.15 4.88
N GLN A 625 17.28 -14.83 5.09
CA GLN A 625 16.12 -14.19 5.71
C GLN A 625 16.36 -13.71 7.14
N ASP A 626 17.39 -14.27 7.79
CA ASP A 626 17.77 -13.85 9.16
C ASP A 626 16.59 -13.89 10.11
N VAL A 627 16.30 -15.08 10.63
CA VAL A 627 15.19 -15.26 11.54
C VAL A 627 15.56 -16.14 12.73
N GLY A 628 15.29 -15.63 13.93
CA GLY A 628 15.48 -16.40 15.15
C GLY A 628 14.14 -16.70 15.80
N LEU A 629 13.83 -17.99 15.95
CA LEU A 629 12.57 -18.37 16.57
C LEU A 629 12.64 -18.07 18.06
N ILE A 630 11.72 -17.22 18.53
CA ILE A 630 11.81 -16.69 19.90
C ILE A 630 10.62 -17.01 20.80
N GLU A 631 10.86 -16.92 22.11
CA GLU A 631 9.81 -17.15 23.10
C GLU A 631 8.82 -15.99 23.14
N GLU A 632 7.67 -16.22 23.77
CA GLU A 632 6.57 -15.24 23.75
C GLU A 632 6.85 -14.01 24.62
N GLU A 633 7.74 -14.17 25.60
CA GLU A 633 8.11 -13.08 26.49
C GLU A 633 9.10 -12.14 25.80
N GLU A 634 10.05 -12.74 25.09
CA GLU A 634 11.05 -11.98 24.35
C GLU A 634 10.49 -11.43 23.04
N ALA A 635 9.16 -11.39 22.92
CA ALA A 635 8.50 -11.04 21.67
C ALA A 635 8.47 -9.54 21.38
N ALA A 636 7.81 -8.78 22.26
CA ALA A 636 7.76 -7.33 22.15
C ALA A 636 9.16 -6.74 22.27
N ASN A 637 9.89 -7.29 23.24
CA ASN A 637 11.30 -7.04 23.49
C ASN A 637 12.14 -6.81 22.23
N PHE A 638 11.88 -7.57 21.16
CA PHE A 638 12.62 -7.38 19.91
C PHE A 638 12.02 -6.28 19.03
N GLN A 639 10.74 -6.00 19.21
CA GLN A 639 10.02 -5.09 18.31
C GLN A 639 10.10 -3.62 18.68
N GLN A 640 10.85 -3.30 19.72
CA GLN A 640 11.11 -1.91 20.08
C GLN A 640 11.76 -1.20 18.90
N TYR A 641 12.71 -1.90 18.29
CA TYR A 641 13.51 -1.36 17.19
C TYR A 641 12.75 -1.47 15.86
N PRO A 642 12.72 -0.39 15.08
CA PRO A 642 11.99 -0.35 13.81
C PRO A 642 12.52 -1.36 12.79
N ASP A 643 13.78 -1.74 12.93
CA ASP A 643 14.41 -2.65 11.98
C ASP A 643 14.09 -4.12 12.25
N TRP A 644 13.38 -4.38 13.35
CA TRP A 644 12.97 -5.74 13.69
C TRP A 644 11.44 -5.85 13.80
N ASP A 645 10.88 -6.94 13.30
CA ASP A 645 9.46 -7.26 13.47
C ASP A 645 9.28 -8.74 13.86
N VAL A 646 8.16 -9.04 14.54
CA VAL A 646 7.83 -10.44 14.85
C VAL A 646 6.37 -10.76 14.55
N VAL A 647 6.11 -12.02 14.19
CA VAL A 647 4.76 -12.47 13.87
C VAL A 647 4.45 -13.83 14.50
N LYS A 652 3.98 -20.86 16.63
CA LYS A 652 5.26 -20.41 17.17
C LYS A 652 5.52 -18.95 16.80
N HIS A 653 6.51 -18.35 17.47
CA HIS A 653 6.83 -16.93 17.27
C HIS A 653 8.17 -16.73 16.57
N ILE A 654 8.22 -15.75 15.68
CA ILE A 654 9.28 -15.63 14.70
C ILE A 654 9.85 -14.20 14.64
N ALA A 655 11.13 -14.05 14.90
CA ALA A 655 11.77 -12.74 14.89
C ALA A 655 12.49 -12.46 13.56
N ILE A 656 11.87 -11.63 12.72
CA ILE A 656 12.47 -11.29 11.43
C ILE A 656 13.22 -9.96 11.48
N HIS A 657 14.36 -9.90 10.78
CA HIS A 657 15.12 -8.67 10.71
C HIS A 657 14.74 -7.97 9.41
N THR A 658 13.82 -7.02 9.50
CA THR A 658 13.20 -6.42 8.33
C THR A 658 14.13 -5.56 7.47
N SER A 659 14.94 -4.72 8.11
CA SER A 659 15.80 -3.80 7.37
C SER A 659 16.81 -4.54 6.51
N VAL A 660 17.38 -5.62 7.04
CA VAL A 660 18.29 -6.46 6.28
C VAL A 660 17.62 -6.95 5.00
N LEU A 661 16.34 -7.29 5.09
CA LEU A 661 15.59 -7.75 3.94
C LEU A 661 15.07 -6.58 3.10
N ASP A 662 14.97 -5.41 3.71
CA ASP A 662 14.64 -4.20 2.96
C ASP A 662 15.80 -3.80 2.07
N ASP A 663 17.01 -3.97 2.59
CA ASP A 663 18.23 -3.68 1.84
C ASP A 663 18.48 -4.74 0.78
N LYS A 664 17.99 -5.95 1.02
CA LYS A 664 18.01 -7.00 0.01
C LYS A 664 17.21 -6.55 -1.21
N VAL A 665 16.02 -6.00 -0.97
CA VAL A 665 15.19 -5.50 -2.06
C VAL A 665 15.86 -4.34 -2.77
N SER A 666 16.43 -3.41 -1.99
CA SER A 666 17.15 -2.26 -2.54
C SER A 666 18.24 -2.68 -3.51
N ALA A 667 19.05 -3.65 -3.10
CA ALA A 667 20.14 -4.14 -3.94
C ALA A 667 19.61 -4.78 -5.21
N MET A 668 18.54 -5.55 -5.07
CA MET A 668 17.90 -6.20 -6.20
C MET A 668 17.33 -5.18 -7.17
N GLU A 669 16.82 -4.08 -6.65
CA GLU A 669 16.26 -3.04 -7.51
C GLU A 669 17.36 -2.39 -8.34
N LEU A 670 18.54 -2.20 -7.74
CA LEU A 670 19.67 -1.64 -8.46
C LEU A 670 20.18 -2.61 -9.54
N LEU A 671 20.30 -3.87 -9.16
CA LEU A 671 20.68 -4.90 -10.12
C LEU A 671 19.72 -4.91 -11.30
N GLN A 672 18.44 -4.73 -11.00
CA GLN A 672 17.40 -4.57 -12.02
C GLN A 672 17.76 -3.50 -13.03
N SER A 673 18.01 -2.31 -12.52
CA SER A 673 18.23 -1.16 -13.40
C SER A 673 19.51 -1.34 -14.19
N TYR A 674 20.57 -1.83 -13.55
CA TYR A 674 21.81 -2.12 -14.28
C TYR A 674 21.51 -3.07 -15.43
N ALA A 675 20.82 -4.16 -15.11
CA ALA A 675 20.43 -5.13 -16.12
C ALA A 675 19.62 -4.48 -17.23
N THR A 676 18.66 -3.63 -16.83
CA THR A 676 17.79 -2.97 -17.79
C THR A 676 18.56 -2.01 -18.69
N LEU A 677 19.48 -1.24 -18.11
CA LEU A 677 20.26 -0.25 -18.86
C LEU A 677 21.34 -0.85 -19.77
N LEU A 678 22.03 -1.86 -19.25
CA LEU A 678 23.20 -2.40 -19.93
C LEU A 678 22.83 -3.56 -20.85
N ARG A 679 21.62 -4.06 -20.70
CA ARG A 679 21.10 -5.19 -21.48
C ARG A 679 22.13 -6.31 -21.62
N GLY A 680 22.53 -6.58 -22.87
CA GLY A 680 23.41 -7.68 -23.18
C GLY A 680 24.73 -7.65 -22.46
N GLN A 681 25.19 -6.45 -22.12
CA GLN A 681 26.46 -6.25 -21.43
C GLN A 681 26.43 -6.79 -19.99
N PHE A 682 25.25 -7.19 -19.53
CA PHE A 682 25.06 -7.65 -18.16
C PHE A 682 24.91 -9.17 -18.10
N ALA A 683 24.91 -9.80 -19.27
CA ALA A 683 24.70 -11.25 -19.39
C ALA A 683 25.63 -12.07 -18.50
N VAL A 684 26.83 -11.56 -18.28
CA VAL A 684 27.86 -12.29 -17.54
C VAL A 684 27.44 -12.52 -16.08
N TYR A 685 26.49 -11.72 -15.59
CA TYR A 685 26.02 -11.85 -14.22
C TYR A 685 24.73 -12.64 -14.10
N VAL A 686 24.02 -12.81 -15.22
CA VAL A 686 22.65 -13.33 -15.21
C VAL A 686 22.50 -14.66 -14.48
N LYS A 687 23.35 -15.63 -14.80
CA LYS A 687 23.28 -16.95 -14.20
C LYS A 687 23.42 -16.89 -12.68
N GLU A 688 24.37 -16.10 -12.20
CA GLU A 688 24.60 -15.96 -10.76
C GLU A 688 23.40 -15.31 -10.08
N VAL A 689 22.98 -14.16 -10.60
CA VAL A 689 21.85 -13.42 -10.03
C VAL A 689 20.56 -14.23 -10.08
N MET A 690 20.36 -14.99 -11.15
CA MET A 690 19.15 -15.78 -11.28
C MET A 690 19.10 -16.89 -10.23
N GLU A 691 20.18 -17.67 -10.15
CA GLU A 691 20.20 -18.86 -9.31
C GLU A 691 20.46 -18.57 -7.83
N GLU A 692 21.20 -17.51 -7.55
CA GLU A 692 21.57 -17.25 -6.16
C GLU A 692 20.71 -16.17 -5.52
N ILE A 693 20.03 -15.36 -6.33
CA ILE A 693 19.29 -14.22 -5.81
C ILE A 693 17.83 -14.19 -6.24
N ALA A 694 17.58 -14.18 -7.55
CA ALA A 694 16.21 -14.04 -8.04
C ALA A 694 15.33 -15.18 -7.58
N LEU A 695 15.71 -16.41 -7.93
CA LEU A 695 14.90 -17.59 -7.60
C LEU A 695 14.81 -17.89 -6.10
N PRO A 696 15.92 -17.79 -5.35
CA PRO A 696 15.75 -18.05 -3.91
C PRO A 696 14.83 -17.05 -3.23
N SER A 697 14.73 -15.83 -3.78
CA SER A 697 13.92 -14.78 -3.17
C SER A 697 12.43 -15.13 -3.12
N LEU A 698 11.99 -15.98 -4.03
CA LEU A 698 10.59 -16.40 -4.04
C LEU A 698 10.23 -17.20 -2.79
N ASP A 699 11.22 -17.88 -2.20
CA ASP A 699 11.01 -18.70 -1.01
C ASP A 699 11.08 -17.88 0.28
N PHE A 700 11.12 -16.55 0.14
CA PHE A 700 11.18 -15.68 1.30
C PHE A 700 9.77 -15.36 1.77
N TYR A 701 9.20 -16.26 2.56
CA TYR A 701 7.79 -16.20 2.91
C TYR A 701 7.46 -15.20 4.01
N LEU A 702 8.50 -14.61 4.60
CA LEU A 702 8.33 -13.67 5.69
C LEU A 702 8.56 -12.22 5.25
N HIS A 703 8.87 -12.03 3.98
CA HIS A 703 9.01 -10.69 3.43
C HIS A 703 8.43 -10.59 2.02
N ASP A 704 7.37 -9.80 1.89
CA ASP A 704 6.64 -9.69 0.63
C ASP A 704 7.50 -9.04 -0.45
N GLY A 705 8.23 -7.99 -0.08
CA GLY A 705 9.00 -7.21 -1.02
C GLY A 705 10.08 -8.00 -1.72
N VAL A 706 10.76 -8.85 -0.95
CA VAL A 706 11.81 -9.71 -1.49
C VAL A 706 11.27 -10.64 -2.58
N ARG A 707 10.09 -11.22 -2.32
CA ARG A 707 9.46 -12.13 -3.26
C ARG A 707 9.08 -11.43 -4.56
N ALA A 708 8.56 -10.22 -4.45
CA ALA A 708 8.17 -9.45 -5.63
C ALA A 708 9.39 -9.02 -6.43
N ALA A 709 10.46 -8.68 -5.72
CA ALA A 709 11.68 -8.21 -6.37
C ALA A 709 12.35 -9.34 -7.14
N GLY A 710 12.32 -10.54 -6.58
CA GLY A 710 12.83 -11.71 -7.26
C GLY A 710 12.07 -11.98 -8.55
N ALA A 711 10.76 -11.81 -8.50
CA ALA A 711 9.90 -12.09 -9.64
C ALA A 711 10.13 -11.11 -10.81
N THR A 712 10.18 -9.82 -10.51
CA THR A 712 10.33 -8.80 -11.55
C THR A 712 11.71 -8.88 -12.21
N LEU A 713 12.65 -9.47 -11.47
CA LEU A 713 14.03 -9.56 -11.90
C LEU A 713 14.19 -10.64 -12.98
N ILE A 714 13.36 -11.67 -12.91
CA ILE A 714 13.48 -12.82 -13.81
C ILE A 714 13.40 -12.51 -15.31
N PRO A 715 12.37 -11.75 -15.76
CA PRO A 715 12.31 -11.49 -17.20
C PRO A 715 13.47 -10.61 -17.69
N ILE A 716 13.91 -9.69 -16.84
CA ILE A 716 14.94 -8.74 -17.24
C ILE A 716 16.30 -9.44 -17.28
N LEU A 717 16.52 -10.38 -16.38
CA LEU A 717 17.72 -11.20 -16.42
C LEU A 717 17.78 -12.01 -17.72
N LEU A 718 16.66 -12.65 -18.06
CA LEU A 718 16.61 -13.47 -19.27
C LEU A 718 16.86 -12.65 -20.53
N SER A 719 16.28 -11.45 -20.61
CA SER A 719 16.45 -10.64 -21.81
C SER A 719 17.91 -10.21 -21.98
N CYS A 720 18.63 -10.07 -20.87
CA CYS A 720 20.06 -9.77 -20.91
C CYS A 720 20.85 -10.87 -21.60
N LEU A 721 20.65 -12.10 -21.15
CA LEU A 721 21.37 -13.25 -21.69
C LEU A 721 20.97 -13.53 -23.13
N LEU A 722 19.68 -13.39 -23.42
CA LEU A 722 19.19 -13.54 -24.79
C LEU A 722 19.89 -12.58 -25.75
N ALA A 723 19.95 -11.30 -25.37
CA ALA A 723 20.54 -10.25 -26.20
C ALA A 723 22.01 -10.54 -26.50
N ALA A 724 22.67 -11.26 -25.59
CA ALA A 724 24.06 -11.62 -25.79
C ALA A 724 24.17 -13.02 -26.40
N ASN A 729 20.75 -21.57 -27.11
CA ASN A 729 21.61 -21.44 -25.94
C ASN A 729 21.10 -22.30 -24.79
N GLU A 730 21.97 -23.14 -24.24
CA GLU A 730 21.59 -24.05 -23.16
C GLU A 730 21.28 -23.30 -21.88
N GLU A 731 22.15 -22.36 -21.52
CA GLU A 731 21.99 -21.57 -20.29
C GLU A 731 20.64 -20.87 -20.25
N LEU A 732 20.35 -20.10 -21.30
CA LEU A 732 19.12 -19.33 -21.36
C LEU A 732 17.89 -20.22 -21.21
N VAL A 733 17.86 -21.30 -21.98
CA VAL A 733 16.72 -22.22 -21.95
C VAL A 733 16.56 -22.87 -20.58
N LEU A 734 17.67 -23.28 -20.00
CA LEU A 734 17.69 -23.94 -18.70
C LEU A 734 17.19 -23.01 -17.59
N LEU A 735 17.71 -21.79 -17.57
CA LEU A 735 17.32 -20.81 -16.57
C LEU A 735 15.84 -20.45 -16.68
N TRP A 736 15.34 -20.33 -17.91
CA TRP A 736 13.93 -20.05 -18.11
C TRP A 736 13.07 -21.19 -17.59
N HIS A 737 13.48 -22.42 -17.87
CA HIS A 737 12.77 -23.60 -17.38
C HIS A 737 12.74 -23.61 -15.85
N LYS A 738 13.85 -23.22 -15.25
CA LYS A 738 13.95 -23.17 -13.79
C LYS A 738 13.10 -22.05 -13.22
N ALA A 739 13.19 -20.88 -13.85
CA ALA A 739 12.50 -19.68 -13.34
C ALA A 739 10.99 -19.76 -13.56
N SER A 740 10.58 -20.25 -14.72
CA SER A 740 9.16 -20.39 -15.01
C SER A 740 8.50 -21.40 -14.08
N SER A 741 9.20 -22.51 -13.82
CA SER A 741 8.66 -23.56 -12.96
C SER A 741 8.47 -23.09 -11.52
N LYS A 742 9.40 -22.28 -11.03
CA LYS A 742 9.30 -21.79 -9.66
C LYS A 742 8.25 -20.68 -9.56
N LEU A 743 8.10 -19.91 -10.64
CA LEU A 743 7.03 -18.93 -10.73
C LEU A 743 5.68 -19.62 -10.74
N ILE A 744 5.54 -20.60 -11.62
CA ILE A 744 4.32 -21.38 -11.72
C ILE A 744 4.01 -22.07 -10.39
N GLY A 745 5.03 -22.65 -9.78
CA GLY A 745 4.89 -23.32 -8.50
C GLY A 745 4.50 -22.41 -7.37
N GLY A 746 4.75 -21.11 -7.54
CA GLY A 746 4.42 -20.14 -6.53
C GLY A 746 2.96 -19.74 -6.56
N LEU A 747 2.31 -19.98 -7.70
CA LEU A 747 0.90 -19.61 -7.86
C LEU A 747 -0.03 -20.38 -6.93
N MET A 748 0.39 -21.58 -6.54
CA MET A 748 -0.46 -22.44 -5.73
C MET A 748 -0.09 -22.37 -4.25
N SER A 749 1.01 -21.69 -3.94
CA SER A 749 1.48 -21.59 -2.56
C SER A 749 1.41 -20.16 -2.02
N GLU A 750 1.57 -19.18 -2.90
CA GLU A 750 1.60 -17.78 -2.48
C GLU A 750 0.27 -17.36 -1.87
N PRO A 751 0.28 -17.01 -0.57
CA PRO A 751 -0.93 -16.57 0.14
C PRO A 751 -1.31 -15.12 -0.16
N MET A 752 -0.33 -14.27 -0.43
CA MET A 752 -0.59 -12.86 -0.71
C MET A 752 -1.02 -12.63 -2.16
N PRO A 753 -2.26 -12.14 -2.34
CA PRO A 753 -2.80 -11.85 -3.67
C PRO A 753 -1.98 -10.83 -4.47
N GLU A 754 -1.46 -9.81 -3.79
CA GLU A 754 -0.63 -8.79 -4.46
C GLU A 754 0.63 -9.41 -5.08
N ILE A 755 1.29 -10.28 -4.34
CA ILE A 755 2.47 -10.98 -4.83
C ILE A 755 2.12 -11.93 -5.98
N THR A 756 0.97 -12.59 -5.87
CA THR A 756 0.47 -13.47 -6.93
C THR A 756 0.39 -12.73 -8.26
N GLN A 757 -0.05 -11.48 -8.23
CA GLN A 757 -0.17 -10.66 -9.43
C GLN A 757 1.18 -10.49 -10.11
N VAL A 758 2.20 -10.22 -9.31
CA VAL A 758 3.56 -10.03 -9.83
C VAL A 758 4.03 -11.28 -10.56
N TYR A 759 3.76 -12.44 -9.96
CA TYR A 759 4.17 -13.72 -10.53
C TYR A 759 3.57 -13.93 -11.92
N HIS A 760 2.30 -13.58 -12.06
CA HIS A 760 1.63 -13.71 -13.35
C HIS A 760 2.23 -12.71 -14.32
N ASN A 761 2.46 -11.50 -13.83
CA ASN A 761 3.06 -10.45 -14.64
C ASN A 761 4.49 -10.80 -15.05
N SER A 762 5.20 -11.47 -14.14
CA SER A 762 6.56 -11.90 -14.40
C SER A 762 6.58 -13.04 -15.43
N LEU A 763 5.52 -13.86 -15.43
CA LEU A 763 5.38 -14.91 -16.43
C LEU A 763 5.08 -14.33 -17.81
N VAL A 764 4.19 -13.32 -17.86
CA VAL A 764 3.88 -12.65 -19.12
C VAL A 764 5.15 -12.13 -19.77
N ASN A 765 5.94 -11.38 -19.00
CA ASN A 765 7.16 -10.77 -19.52
C ASN A 765 8.21 -11.78 -19.86
N GLY A 766 8.28 -12.86 -19.07
CA GLY A 766 9.18 -13.95 -19.35
C GLY A 766 8.81 -14.60 -20.68
N ILE A 767 7.54 -14.97 -20.82
CA ILE A 767 7.02 -15.53 -22.07
C ILE A 767 7.29 -14.61 -23.26
N LYS A 768 7.11 -13.32 -23.06
CA LYS A 768 7.30 -12.34 -24.13
C LYS A 768 8.78 -12.32 -24.56
N VAL A 769 9.68 -12.58 -23.60
CA VAL A 769 11.11 -12.60 -23.87
C VAL A 769 11.54 -13.89 -24.56
N MET A 770 11.10 -15.02 -24.02
CA MET A 770 11.50 -16.32 -24.54
C MET A 770 10.88 -16.66 -25.89
N GLY A 771 9.67 -16.16 -26.14
CA GLY A 771 9.07 -16.26 -27.46
C GLY A 771 8.08 -17.38 -27.66
N ASP A 772 8.16 -18.04 -28.82
CA ASP A 772 7.22 -19.09 -29.19
C ASP A 772 7.46 -20.42 -28.47
N ASN A 773 6.37 -21.05 -28.05
CA ASN A 773 6.41 -22.37 -27.43
C ASN A 773 7.47 -22.52 -26.33
N CYS A 774 7.48 -21.59 -25.39
CA CYS A 774 8.51 -21.58 -24.34
C CYS A 774 8.12 -22.43 -23.15
N LEU A 775 6.95 -23.06 -23.22
CA LEU A 775 6.43 -23.84 -22.11
C LEU A 775 6.16 -25.28 -22.52
N SER A 776 6.60 -26.23 -21.70
CA SER A 776 6.19 -27.62 -21.89
C SER A 776 4.78 -27.81 -21.33
N GLU A 777 4.12 -28.90 -21.71
CA GLU A 777 2.73 -29.12 -21.33
C GLU A 777 2.56 -29.64 -19.90
N ASP A 778 3.66 -30.07 -19.29
CA ASP A 778 3.71 -30.24 -17.85
C ASP A 778 3.49 -28.89 -17.19
N GLN A 779 4.26 -27.91 -17.65
CA GLN A 779 4.16 -26.54 -17.17
C GLN A 779 2.81 -25.93 -17.47
N LEU A 780 2.27 -26.21 -18.65
CA LEU A 780 0.94 -25.73 -19.03
C LEU A 780 -0.14 -26.31 -18.12
N ALA A 781 0.05 -27.55 -17.70
CA ALA A 781 -0.86 -28.18 -16.76
C ALA A 781 -0.74 -27.56 -15.36
N ALA A 782 0.49 -27.46 -14.86
CA ALA A 782 0.73 -26.91 -13.53
C ALA A 782 0.36 -25.43 -13.45
N PHE A 783 0.38 -24.76 -14.60
CA PHE A 783 -0.02 -23.36 -14.66
C PHE A 783 -1.52 -23.25 -14.48
N THR A 784 -2.25 -24.21 -15.04
CA THR A 784 -3.70 -24.23 -14.97
C THR A 784 -4.19 -24.47 -13.54
N LYS A 785 -3.50 -25.36 -12.84
CA LYS A 785 -3.80 -25.63 -11.44
C LYS A 785 -3.54 -24.39 -10.61
N GLY A 786 -2.49 -23.66 -10.96
CA GLY A 786 -2.16 -22.41 -10.31
C GLY A 786 -3.23 -21.35 -10.55
N VAL A 787 -3.68 -21.25 -11.80
CA VAL A 787 -4.72 -20.28 -12.15
C VAL A 787 -6.02 -20.58 -11.41
N SER A 788 -6.41 -21.86 -11.41
CA SER A 788 -7.64 -22.28 -10.75
C SER A 788 -7.59 -21.98 -9.25
N ALA A 789 -6.44 -22.21 -8.63
CA ALA A 789 -6.26 -21.95 -7.21
C ALA A 789 -6.39 -20.46 -6.91
N ASN A 790 -5.83 -19.64 -7.78
CA ASN A 790 -5.92 -18.18 -7.62
C ASN A 790 -7.35 -17.70 -7.78
N LEU A 791 -8.05 -18.27 -8.76
CA LEU A 791 -9.45 -17.93 -9.02
C LEU A 791 -10.36 -18.40 -7.88
N THR A 792 -10.13 -19.62 -7.39
CA THR A 792 -10.89 -20.17 -6.30
C THR A 792 -10.76 -19.31 -5.05
N ASP A 793 -9.53 -18.98 -4.69
CA ASP A 793 -9.28 -18.16 -3.51
C ASP A 793 -9.79 -16.74 -3.70
N THR A 794 -9.76 -16.25 -4.95
CA THR A 794 -10.27 -14.90 -5.23
C THR A 794 -11.78 -14.84 -5.06
N TYR A 795 -12.44 -15.88 -5.54
CA TYR A 795 -13.89 -16.02 -5.40
C TYR A 795 -14.31 -16.01 -3.93
N GLU A 796 -13.68 -16.85 -3.12
CA GLU A 796 -14.01 -16.95 -1.70
C GLU A 796 -13.75 -15.66 -0.92
N ARG A 797 -12.67 -14.97 -1.24
CA ARG A 797 -12.31 -13.76 -0.53
C ARG A 797 -13.27 -12.62 -0.86
N MET A 798 -13.95 -12.73 -1.99
CA MET A 798 -14.82 -11.63 -2.40
C MET A 798 -16.28 -11.96 -2.12
N GLN A 799 -16.56 -13.24 -1.84
CA GLN A 799 -17.90 -13.67 -1.46
C GLN A 799 -18.28 -13.10 -0.09
N ASP A 800 -17.36 -12.37 0.52
CA ASP A 800 -17.57 -11.72 1.80
C ASP A 800 -17.57 -10.20 1.64
N ASP A 806 -24.08 -3.86 5.90
CA ASP A 806 -24.03 -4.66 7.12
C ASP A 806 -24.56 -3.87 8.33
N GLU A 807 -24.99 -4.60 9.36
CA GLU A 807 -25.54 -3.99 10.56
C GLU A 807 -24.49 -3.15 11.30
N TYR A 808 -23.23 -3.55 11.21
CA TYR A 808 -22.17 -2.94 12.02
C TYR A 808 -21.14 -2.16 11.21
N ASN A 809 -21.05 -2.44 9.91
CA ASN A 809 -20.08 -1.78 9.04
C ASN A 809 -20.71 -1.08 7.84
N GLU A 810 -19.95 -0.17 7.23
CA GLU A 810 -20.41 0.56 6.06
C GLU A 810 -19.95 -0.13 4.78
N ASP A 817 -10.81 -3.20 -2.35
CA ASP A 817 -10.74 -4.49 -3.03
C ASP A 817 -10.23 -4.33 -4.46
N PHE A 818 -9.44 -3.29 -4.70
CA PHE A 818 -8.80 -3.08 -5.99
C PHE A 818 -7.64 -4.05 -6.15
N THR A 819 -7.11 -4.52 -5.03
CA THR A 819 -6.01 -5.48 -5.01
C THR A 819 -6.36 -6.74 -5.79
N ASP A 820 -7.65 -7.05 -5.83
CA ASP A 820 -8.16 -8.27 -6.44
C ASP A 820 -8.59 -8.06 -7.87
N GLU A 821 -9.01 -6.83 -8.17
CA GLU A 821 -9.27 -6.47 -9.54
C GLU A 821 -7.96 -6.57 -10.32
N ASP A 822 -6.88 -6.07 -9.70
CA ASP A 822 -5.57 -6.05 -10.34
C ASP A 822 -5.00 -7.45 -10.55
N LEU A 823 -5.21 -8.33 -9.59
CA LEU A 823 -4.77 -9.72 -9.72
C LEU A 823 -5.48 -10.40 -10.88
N LEU A 824 -6.77 -10.11 -11.03
CA LEU A 824 -7.56 -10.71 -12.10
C LEU A 824 -7.22 -10.07 -13.45
N ASP A 825 -6.65 -8.87 -13.41
CA ASP A 825 -6.29 -8.18 -14.65
C ASP A 825 -5.06 -8.81 -15.30
N GLU A 826 -4.13 -9.30 -14.48
CA GLU A 826 -2.90 -9.89 -14.98
C GLU A 826 -3.07 -11.39 -15.26
N ILE A 827 -4.05 -12.00 -14.62
CA ILE A 827 -4.41 -13.38 -14.92
C ILE A 827 -4.98 -13.41 -16.34
N ASN A 828 -5.72 -12.37 -16.69
CA ASN A 828 -6.15 -12.17 -18.07
C ASN A 828 -4.96 -12.13 -19.02
N LYS A 829 -3.92 -11.41 -18.60
CA LYS A 829 -2.70 -11.26 -19.41
C LYS A 829 -1.96 -12.60 -19.59
N SER A 830 -1.73 -13.32 -18.50
CA SER A 830 -0.94 -14.55 -18.55
C SER A 830 -1.64 -15.61 -19.37
N ILE A 831 -2.93 -15.83 -19.11
CA ILE A 831 -3.72 -16.75 -19.92
C ILE A 831 -3.60 -16.38 -21.39
N ALA A 832 -3.78 -15.08 -21.68
CA ALA A 832 -3.64 -14.58 -23.03
C ALA A 832 -2.24 -14.82 -23.57
N ALA A 833 -1.23 -14.64 -22.72
CA ALA A 833 0.16 -14.82 -23.14
C ALA A 833 0.46 -16.29 -23.38
N VAL A 834 -0.06 -17.14 -22.50
CA VAL A 834 0.12 -18.58 -22.61
C VAL A 834 -0.59 -19.13 -23.85
N LEU A 835 -1.80 -18.63 -24.12
CA LEU A 835 -2.51 -18.98 -25.34
C LEU A 835 -1.68 -18.66 -26.58
N LYS A 836 -0.99 -17.52 -26.55
CA LYS A 836 -0.25 -17.02 -27.70
C LYS A 836 1.03 -17.81 -27.95
N THR A 837 1.70 -18.20 -26.88
CA THR A 837 2.96 -18.93 -27.02
C THR A 837 2.69 -20.37 -27.41
N THR A 838 1.55 -20.90 -26.99
CA THR A 838 1.14 -22.26 -27.34
C THR A 838 0.45 -22.26 -28.70
N ASN A 839 0.18 -21.05 -29.19
CA ASN A 839 -0.54 -20.85 -30.45
C ASN A 839 -1.89 -21.57 -30.46
N GLY A 840 -2.56 -21.58 -29.32
CA GLY A 840 -3.89 -22.16 -29.22
C GLY A 840 -3.98 -23.42 -28.39
N HIS A 841 -2.91 -24.20 -28.35
CA HIS A 841 -2.90 -25.50 -27.68
C HIS A 841 -3.37 -25.46 -26.23
N TYR A 842 -3.30 -24.28 -25.61
CA TYR A 842 -3.66 -24.15 -24.21
C TYR A 842 -5.19 -24.17 -24.01
N LEU A 843 -5.94 -24.15 -25.11
CA LEU A 843 -7.39 -24.31 -25.06
C LEU A 843 -7.78 -25.59 -24.34
N LYS A 844 -7.05 -26.67 -24.62
CA LYS A 844 -7.20 -27.97 -23.97
C LYS A 844 -7.11 -27.79 -22.46
N ASN A 845 -6.00 -27.25 -21.97
CA ASN A 845 -5.77 -27.15 -20.53
C ASN A 845 -6.79 -26.25 -19.82
N LEU A 846 -7.33 -25.28 -20.54
CA LEU A 846 -8.24 -24.30 -19.96
C LEU A 846 -9.65 -24.86 -19.82
N GLU A 847 -9.92 -25.96 -20.52
CA GLU A 847 -11.20 -26.65 -20.44
C GLU A 847 -11.58 -26.96 -18.99
N ASN A 848 -10.57 -27.28 -18.19
CA ASN A 848 -10.79 -27.77 -16.83
C ASN A 848 -11.19 -26.69 -15.83
N ILE A 849 -11.12 -25.43 -16.23
CA ILE A 849 -11.46 -24.35 -15.32
C ILE A 849 -12.62 -23.50 -15.82
N TRP A 850 -13.31 -23.95 -16.87
CA TRP A 850 -14.49 -23.24 -17.36
C TRP A 850 -15.64 -23.17 -16.34
N PRO A 851 -15.87 -24.24 -15.56
CA PRO A 851 -16.87 -24.08 -14.48
C PRO A 851 -16.55 -22.89 -13.56
N MET A 852 -15.28 -22.69 -13.23
CA MET A 852 -14.87 -21.51 -12.49
C MET A 852 -15.19 -20.24 -13.27
N ILE A 853 -14.82 -20.24 -14.54
CA ILE A 853 -15.04 -19.10 -15.42
C ILE A 853 -16.52 -18.78 -15.56
N ASN A 854 -17.35 -19.81 -15.69
CA ASN A 854 -18.79 -19.63 -15.88
C ASN A 854 -19.45 -19.05 -14.64
N THR A 855 -19.00 -19.46 -13.46
CA THR A 855 -19.50 -18.92 -12.21
C THR A 855 -19.28 -17.41 -12.15
N PHE A 856 -18.08 -16.99 -12.55
CA PHE A 856 -17.68 -15.59 -12.59
C PHE A 856 -18.56 -14.75 -13.50
N LEU A 857 -18.91 -15.32 -14.66
CA LEU A 857 -19.66 -14.61 -15.69
C LEU A 857 -21.06 -14.18 -15.24
N LEU A 858 -21.69 -15.02 -14.42
CA LEU A 858 -23.06 -14.80 -13.98
C LEU A 858 -23.13 -14.06 -12.66
N ASP A 859 -22.03 -14.09 -11.90
CA ASP A 859 -21.94 -13.49 -10.58
C ASP A 859 -22.38 -12.03 -10.58
N ASN A 860 -22.79 -11.54 -9.41
CA ASN A 860 -23.25 -10.18 -9.28
C ASN A 860 -22.15 -9.16 -9.49
N GLU A 861 -21.02 -9.35 -8.83
CA GLU A 861 -19.98 -8.34 -8.80
C GLU A 861 -19.28 -8.20 -10.14
N PRO A 862 -19.29 -6.98 -10.68
CA PRO A 862 -18.78 -6.65 -12.02
C PRO A 862 -17.32 -7.06 -12.22
N ILE A 863 -16.52 -7.00 -11.16
CA ILE A 863 -15.11 -7.38 -11.25
C ILE A 863 -14.94 -8.82 -11.74
N LEU A 864 -15.71 -9.74 -11.16
CA LEU A 864 -15.64 -11.15 -11.56
C LEU A 864 -16.21 -11.34 -12.97
N VAL A 865 -17.15 -10.47 -13.34
CA VAL A 865 -17.80 -10.54 -14.64
C VAL A 865 -16.85 -10.08 -15.73
N ILE A 866 -16.20 -8.94 -15.49
CA ILE A 866 -15.22 -8.38 -16.42
C ILE A 866 -14.10 -9.37 -16.74
N PHE A 867 -13.57 -10.01 -15.70
CA PHE A 867 -12.55 -11.04 -15.88
C PHE A 867 -12.99 -12.11 -16.86
N ALA A 868 -14.13 -12.71 -16.57
CA ALA A 868 -14.67 -13.79 -17.38
C ALA A 868 -14.85 -13.36 -18.84
N LEU A 869 -15.40 -12.16 -19.02
CA LEU A 869 -15.64 -11.62 -20.35
C LEU A 869 -14.35 -11.47 -21.14
N VAL A 870 -13.30 -10.98 -20.49
CA VAL A 870 -12.00 -10.81 -21.15
C VAL A 870 -11.45 -12.17 -21.56
N VAL A 871 -11.54 -13.15 -20.65
CA VAL A 871 -11.07 -14.50 -20.92
C VAL A 871 -11.75 -15.10 -22.16
N ILE A 872 -13.07 -15.03 -22.17
CA ILE A 872 -13.87 -15.55 -23.27
C ILE A 872 -13.50 -14.87 -24.57
N GLY A 873 -13.17 -13.57 -24.48
CA GLY A 873 -12.72 -12.81 -25.63
C GLY A 873 -11.42 -13.37 -26.20
N ASP A 874 -10.52 -13.77 -25.32
CA ASP A 874 -9.24 -14.35 -25.74
C ASP A 874 -9.43 -15.76 -26.28
N LEU A 875 -10.38 -16.50 -25.70
CA LEU A 875 -10.66 -17.86 -26.10
C LEU A 875 -11.08 -17.97 -27.56
N ILE A 876 -12.00 -17.11 -27.98
CA ILE A 876 -12.56 -17.15 -29.33
C ILE A 876 -11.50 -16.83 -30.40
N GLN A 877 -10.51 -16.02 -30.03
CA GLN A 877 -9.44 -15.67 -30.96
C GLN A 877 -8.68 -16.92 -31.41
N TYR A 878 -8.46 -17.84 -30.47
CA TYR A 878 -7.73 -19.06 -30.76
C TYR A 878 -8.68 -20.25 -30.88
N GLY A 879 -9.90 -20.06 -30.38
CA GLY A 879 -10.89 -21.14 -30.37
C GLY A 879 -12.16 -20.84 -31.13
N GLY A 880 -12.06 -20.04 -32.18
CA GLY A 880 -13.17 -19.86 -33.11
C GLY A 880 -12.84 -20.66 -34.35
N GLU A 881 -13.68 -21.64 -34.69
CA GLU A 881 -14.97 -21.84 -34.05
C GLU A 881 -15.00 -23.05 -33.11
N GLN A 882 -13.88 -23.31 -32.44
CA GLN A 882 -13.76 -24.41 -31.49
C GLN A 882 -14.74 -24.29 -30.30
N THR A 883 -15.38 -23.14 -30.18
CA THR A 883 -16.13 -22.80 -28.98
C THR A 883 -17.65 -22.92 -29.11
N ALA A 884 -18.13 -23.69 -30.08
CA ALA A 884 -19.56 -23.92 -30.22
C ALA A 884 -20.08 -24.66 -28.99
N SER A 885 -19.19 -25.41 -28.34
CA SER A 885 -19.50 -26.12 -27.11
C SER A 885 -19.89 -25.15 -26.00
N MET A 886 -19.47 -23.89 -26.14
CA MET A 886 -19.64 -22.90 -25.10
C MET A 886 -20.65 -21.81 -25.48
N LYS A 887 -21.05 -21.80 -26.76
CA LYS A 887 -21.83 -20.69 -27.34
C LYS A 887 -23.00 -20.21 -26.49
N ASN A 888 -23.95 -21.10 -26.22
CA ASN A 888 -25.15 -20.73 -25.48
C ASN A 888 -24.91 -20.65 -23.97
N ALA A 889 -23.68 -20.91 -23.55
CA ALA A 889 -23.34 -20.84 -22.14
C ALA A 889 -22.96 -19.42 -21.73
N PHE A 890 -22.48 -18.62 -22.68
CA PHE A 890 -22.06 -17.26 -22.35
C PHE A 890 -22.83 -16.17 -23.10
N ILE A 891 -23.24 -16.44 -24.34
CA ILE A 891 -23.94 -15.43 -25.15
C ILE A 891 -25.21 -14.85 -24.48
N PRO A 892 -26.03 -15.68 -23.80
CA PRO A 892 -27.15 -15.10 -23.05
C PRO A 892 -26.71 -14.06 -22.02
N LYS A 893 -25.61 -14.33 -21.33
CA LYS A 893 -25.07 -13.38 -20.36
C LYS A 893 -24.36 -12.22 -21.06
N VAL A 894 -23.71 -12.51 -22.19
CA VAL A 894 -23.02 -11.48 -22.96
C VAL A 894 -23.98 -10.43 -23.51
N THR A 895 -25.10 -10.87 -24.07
CA THR A 895 -26.08 -9.97 -24.65
C THR A 895 -26.70 -9.05 -23.60
N GLU A 896 -26.85 -9.56 -22.38
CA GLU A 896 -27.32 -8.74 -21.26
C GLU A 896 -26.29 -7.67 -20.91
N CYS A 897 -25.04 -8.10 -20.87
CA CYS A 897 -23.91 -7.24 -20.50
C CYS A 897 -23.74 -6.06 -21.46
N LEU A 898 -24.25 -6.21 -22.68
CA LEU A 898 -24.18 -5.16 -23.68
C LEU A 898 -24.79 -3.85 -23.18
N ILE A 899 -25.94 -3.94 -22.53
CA ILE A 899 -26.69 -2.75 -22.13
C ILE A 899 -26.38 -2.34 -20.68
N SER A 900 -25.52 -3.10 -20.02
CA SER A 900 -25.13 -2.86 -18.63
C SER A 900 -24.70 -1.42 -18.35
N PRO A 901 -25.05 -0.91 -17.14
CA PRO A 901 -24.69 0.44 -16.72
C PRO A 901 -23.18 0.66 -16.59
N ASP A 902 -22.43 -0.43 -16.40
CA ASP A 902 -20.98 -0.36 -16.28
C ASP A 902 -20.32 -0.39 -17.66
N ALA A 903 -19.53 0.65 -17.95
CA ALA A 903 -18.87 0.79 -19.25
C ALA A 903 -17.86 -0.34 -19.48
N ARG A 904 -17.19 -0.75 -18.41
CA ARG A 904 -16.21 -1.83 -18.46
C ARG A 904 -16.84 -3.13 -18.95
N ILE A 905 -18.10 -3.35 -18.58
CA ILE A 905 -18.81 -4.57 -18.93
C ILE A 905 -19.33 -4.51 -20.38
N ARG A 906 -19.79 -3.34 -20.80
CA ARG A 906 -20.24 -3.16 -22.18
C ARG A 906 -19.09 -3.36 -23.16
N GLN A 907 -17.92 -2.84 -22.81
CA GLN A 907 -16.76 -2.89 -23.69
C GLN A 907 -16.28 -4.31 -23.90
N ALA A 908 -16.08 -5.03 -22.80
CA ALA A 908 -15.66 -6.41 -22.84
C ALA A 908 -16.67 -7.27 -23.61
N ALA A 909 -17.96 -6.96 -23.43
CA ALA A 909 -19.04 -7.65 -24.12
C ALA A 909 -19.04 -7.32 -25.61
N SER A 910 -18.98 -6.04 -25.94
CA SER A 910 -18.92 -5.59 -27.33
C SER A 910 -17.75 -6.25 -28.07
N TYR A 911 -16.64 -6.41 -27.37
CA TYR A 911 -15.45 -7.03 -27.96
C TYR A 911 -15.72 -8.48 -28.31
N ILE A 912 -16.34 -9.20 -27.38
CA ILE A 912 -16.68 -10.61 -27.60
C ILE A 912 -17.57 -10.81 -28.82
N ILE A 913 -18.63 -10.01 -28.91
CA ILE A 913 -19.50 -10.02 -30.08
C ILE A 913 -18.70 -9.78 -31.35
N GLY A 914 -17.76 -8.84 -31.28
CA GLY A 914 -16.90 -8.52 -32.42
C GLY A 914 -15.99 -9.67 -32.82
N VAL A 915 -15.32 -10.26 -31.84
CA VAL A 915 -14.38 -11.34 -32.14
C VAL A 915 -15.11 -12.63 -32.51
N CYS A 916 -16.39 -12.70 -32.19
CA CYS A 916 -17.21 -13.82 -32.60
C CYS A 916 -17.30 -13.84 -34.13
N ALA A 917 -17.53 -12.68 -34.71
CA ALA A 917 -17.71 -12.57 -36.16
C ALA A 917 -16.38 -12.49 -36.90
N GLN A 918 -15.27 -12.42 -36.15
CA GLN A 918 -13.96 -12.27 -36.78
C GLN A 918 -13.23 -13.61 -36.89
N TYR A 919 -13.31 -14.41 -35.84
CA TYR A 919 -12.58 -15.68 -35.81
C TYR A 919 -13.50 -16.89 -35.91
N ALA A 920 -14.79 -16.67 -35.67
CA ALA A 920 -15.79 -17.74 -35.79
C ALA A 920 -17.06 -17.28 -36.50
N PRO A 921 -16.93 -16.88 -37.78
CA PRO A 921 -18.01 -16.23 -38.53
C PRO A 921 -19.34 -16.98 -38.53
N SER A 922 -19.33 -18.26 -38.87
CA SER A 922 -20.59 -18.96 -39.13
C SER A 922 -21.22 -19.59 -37.89
N THR A 923 -20.42 -19.81 -36.84
CA THR A 923 -20.93 -20.41 -35.60
C THR A 923 -21.79 -19.40 -34.81
N TYR A 924 -21.67 -18.13 -35.16
CA TYR A 924 -22.31 -17.06 -34.39
C TYR A 924 -23.20 -16.16 -35.24
N ALA A 925 -23.56 -16.61 -36.43
CA ALA A 925 -24.37 -15.81 -37.35
C ALA A 925 -25.71 -15.41 -36.74
N ASP A 926 -26.37 -16.36 -36.09
CA ASP A 926 -27.71 -16.16 -35.52
C ASP A 926 -27.69 -15.24 -34.30
N VAL A 927 -26.50 -14.81 -33.89
CA VAL A 927 -26.36 -13.97 -32.72
C VAL A 927 -25.84 -12.58 -33.10
N CYS A 928 -24.82 -12.54 -33.95
CA CYS A 928 -24.14 -11.29 -34.25
C CYS A 928 -25.03 -10.22 -34.88
N ILE A 929 -25.87 -10.60 -35.83
CA ILE A 929 -26.73 -9.65 -36.53
C ILE A 929 -28.05 -9.30 -35.81
N PRO A 930 -28.56 -10.23 -34.98
CA PRO A 930 -29.63 -9.71 -34.11
C PRO A 930 -29.11 -8.65 -33.13
N THR A 931 -27.89 -8.83 -32.64
CA THR A 931 -27.28 -7.88 -31.71
C THR A 931 -26.78 -6.63 -32.44
N LEU A 932 -26.81 -6.66 -33.77
CA LEU A 932 -26.40 -5.52 -34.57
C LEU A 932 -27.31 -4.31 -34.31
N ASP A 933 -28.49 -4.58 -33.79
CA ASP A 933 -29.43 -3.54 -33.39
C ASP A 933 -28.98 -2.88 -32.09
N THR A 934 -28.58 -3.70 -31.13
CA THR A 934 -28.17 -3.20 -29.82
C THR A 934 -26.86 -2.42 -29.88
N LEU A 935 -25.95 -2.83 -30.75
CA LEU A 935 -24.67 -2.13 -30.93
C LEU A 935 -24.89 -0.73 -31.46
N VAL A 936 -25.82 -0.60 -32.40
CA VAL A 936 -26.21 0.68 -32.98
C VAL A 936 -26.83 1.60 -31.91
N GLN A 937 -27.35 1.02 -30.83
CA GLN A 937 -27.93 1.81 -29.75
C GLN A 937 -26.88 2.26 -28.75
N ILE A 938 -26.06 1.30 -28.31
CA ILE A 938 -24.96 1.57 -27.39
C ILE A 938 -23.98 2.55 -28.00
N VAL A 939 -23.86 2.52 -29.32
CA VAL A 939 -22.94 3.42 -30.02
C VAL A 939 -23.36 4.87 -29.79
N ASP A 940 -24.63 5.07 -29.45
CA ASP A 940 -25.15 6.40 -29.10
C ASP A 940 -25.94 6.38 -27.80
N GLY A 943 -23.87 10.52 -24.01
CA GLY A 943 -22.60 10.52 -23.29
C GLY A 943 -21.65 9.44 -23.77
N SER A 944 -21.85 8.99 -25.00
CA SER A 944 -21.04 7.93 -25.57
C SER A 944 -19.65 8.41 -25.97
N LYS A 945 -19.58 9.44 -26.80
CA LYS A 945 -18.31 10.00 -27.22
C LYS A 945 -17.73 10.90 -26.13
N LEU A 946 -17.42 10.30 -24.99
CA LEU A 946 -16.97 11.04 -23.80
C LEU A 946 -15.91 10.22 -23.08
N GLU A 947 -14.90 10.90 -22.54
CA GLU A 947 -13.69 10.27 -21.99
C GLU A 947 -13.92 9.03 -21.12
N GLU A 948 -15.01 9.01 -20.37
CA GLU A 948 -15.30 7.90 -19.46
C GLU A 948 -15.67 6.62 -20.19
N ASN A 949 -16.49 6.74 -21.23
CA ASN A 949 -16.98 5.56 -21.95
C ASN A 949 -16.58 5.57 -23.42
N ARG A 950 -15.68 6.48 -23.79
CA ARG A 950 -15.15 6.59 -25.15
C ARG A 950 -14.52 5.27 -25.59
N SER A 951 -13.98 4.54 -24.62
CA SER A 951 -13.36 3.26 -24.87
C SER A 951 -14.43 2.21 -25.20
N SER A 952 -15.50 2.19 -24.40
CA SER A 952 -16.58 1.21 -24.57
C SER A 952 -17.28 1.31 -25.91
N THR A 953 -17.47 2.53 -26.39
CA THR A 953 -18.24 2.74 -27.60
C THR A 953 -17.38 2.54 -28.84
N GLU A 954 -16.06 2.57 -28.68
CA GLU A 954 -15.19 2.33 -29.81
C GLU A 954 -15.09 0.83 -30.09
N ASN A 955 -15.19 0.04 -29.03
CA ASN A 955 -15.19 -1.42 -29.18
C ASN A 955 -16.49 -1.89 -29.85
N ALA A 956 -17.60 -1.27 -29.47
CA ALA A 956 -18.88 -1.54 -30.10
C ALA A 956 -18.82 -1.12 -31.56
N SER A 957 -18.17 0.01 -31.81
CA SER A 957 -17.98 0.50 -33.17
C SER A 957 -17.19 -0.51 -33.99
N ALA A 958 -16.15 -1.06 -33.36
CA ALA A 958 -15.32 -2.08 -34.01
C ALA A 958 -16.14 -3.35 -34.28
N ALA A 959 -16.95 -3.73 -33.30
CA ALA A 959 -17.75 -4.94 -33.39
C ALA A 959 -18.75 -4.86 -34.53
N ILE A 960 -19.29 -3.66 -34.75
CA ILE A 960 -20.18 -3.42 -35.88
C ILE A 960 -19.44 -3.59 -37.20
N ALA A 961 -18.24 -3.03 -37.28
CA ALA A 961 -17.42 -3.14 -38.48
C ALA A 961 -17.02 -4.59 -38.78
N LYS A 962 -16.96 -5.41 -37.73
CA LYS A 962 -16.56 -6.80 -37.88
C LYS A 962 -17.70 -7.66 -38.43
N ILE A 963 -18.91 -7.37 -37.97
CA ILE A 963 -20.10 -8.07 -38.44
C ILE A 963 -20.37 -7.73 -39.90
N LEU A 964 -20.21 -6.45 -40.24
CA LEU A 964 -20.42 -5.97 -41.59
C LEU A 964 -19.43 -6.58 -42.58
N TYR A 965 -18.23 -6.87 -42.09
CA TYR A 965 -17.19 -7.44 -42.92
C TYR A 965 -17.39 -8.94 -43.14
N ALA A 966 -17.76 -9.64 -42.07
CA ALA A 966 -17.85 -11.10 -42.08
C ALA A 966 -18.94 -11.58 -43.02
N TYR A 967 -20.06 -10.87 -42.99
CA TYR A 967 -21.25 -11.24 -43.75
C TYR A 967 -21.65 -10.14 -44.73
N ASP A 975 -27.31 -2.40 -44.89
CA ASP A 975 -26.26 -1.52 -45.40
C ASP A 975 -26.52 -0.09 -44.95
N THR A 976 -27.65 0.13 -44.29
CA THR A 976 -27.89 1.39 -43.59
C THR A 976 -26.95 1.45 -42.39
N TYR A 977 -26.46 0.27 -42.01
CA TYR A 977 -25.59 0.09 -40.86
C TYR A 977 -24.18 0.62 -41.11
N THR A 978 -23.72 0.53 -42.36
CA THR A 978 -22.37 0.99 -42.70
C THR A 978 -22.24 2.51 -42.60
N ALA A 979 -23.34 3.21 -42.90
CA ALA A 979 -23.37 4.67 -42.81
C ALA A 979 -23.57 5.09 -41.37
N ASN A 980 -24.15 4.20 -40.59
CA ASN A 980 -24.32 4.45 -39.17
C ASN A 980 -23.02 4.25 -38.43
N TRP A 981 -22.26 3.25 -38.87
CA TRP A 981 -20.94 2.94 -38.31
C TRP A 981 -19.92 4.04 -38.62
N PHE A 982 -20.10 4.72 -39.74
CA PHE A 982 -19.14 5.69 -40.21
C PHE A 982 -19.07 6.93 -39.30
N LYS A 983 -20.21 7.33 -38.75
CA LYS A 983 -20.22 8.51 -37.90
C LYS A 983 -20.00 8.12 -36.45
N THR A 984 -19.43 6.93 -36.26
CA THR A 984 -18.87 6.53 -34.98
C THR A 984 -17.39 6.83 -35.03
N LEU A 985 -16.92 7.13 -36.25
CA LEU A 985 -15.55 7.56 -36.46
C LEU A 985 -15.43 9.02 -36.06
N PRO A 986 -14.23 9.44 -35.62
CA PRO A 986 -12.99 8.63 -35.55
C PRO A 986 -12.89 7.71 -34.33
N THR A 987 -12.02 6.72 -34.45
CA THR A 987 -11.66 5.85 -33.33
C THR A 987 -10.27 6.24 -32.85
N ILE A 988 -10.18 6.70 -31.60
CA ILE A 988 -8.99 7.40 -31.13
C ILE A 988 -8.41 6.90 -29.81
N THR A 989 -9.14 6.04 -29.11
CA THR A 989 -8.67 5.56 -27.80
C THR A 989 -8.16 4.12 -27.86
N ASP A 990 -9.03 3.19 -28.26
CA ASP A 990 -8.65 1.78 -28.32
C ASP A 990 -7.90 1.50 -29.61
N LYS A 991 -6.67 1.01 -29.47
CA LYS A 991 -5.78 0.82 -30.61
C LYS A 991 -6.14 -0.42 -31.42
N GLU A 992 -6.46 -1.50 -30.72
CA GLU A 992 -6.93 -2.72 -31.36
C GLU A 992 -8.20 -2.44 -32.17
N ALA A 993 -9.13 -1.69 -31.58
CA ALA A 993 -10.39 -1.36 -32.23
C ALA A 993 -10.19 -0.43 -33.42
N ALA A 994 -9.29 0.54 -33.26
CA ALA A 994 -8.98 1.48 -34.34
C ALA A 994 -8.30 0.77 -35.51
N SER A 995 -7.49 -0.23 -35.18
CA SER A 995 -6.78 -0.99 -36.19
C SER A 995 -7.75 -1.64 -37.19
N PHE A 996 -8.80 -2.28 -36.69
CA PHE A 996 -9.75 -2.94 -37.56
C PHE A 996 -10.62 -1.94 -38.32
N ASN A 997 -11.17 -0.97 -37.60
CA ASN A 997 -12.11 -0.02 -38.18
C ASN A 997 -11.60 0.68 -39.45
N TYR A 998 -10.30 0.92 -39.51
CA TYR A 998 -9.76 1.73 -40.60
C TYR A 998 -9.37 0.92 -41.83
N GLN A 999 -8.99 -0.35 -41.65
CA GLN A 999 -8.79 -1.18 -42.85
C GLN A 999 -10.06 -1.92 -43.22
N PHE A 1000 -11.12 -1.73 -42.44
CA PHE A 1000 -12.46 -2.03 -42.94
C PHE A 1000 -12.87 -0.84 -43.79
N LEU A 1001 -12.47 0.35 -43.35
CA LEU A 1001 -12.65 1.56 -44.13
C LEU A 1001 -11.83 1.50 -45.42
N SER A 1002 -10.63 0.92 -45.34
CA SER A 1002 -9.76 0.80 -46.51
C SER A 1002 -10.30 -0.18 -47.53
N GLN A 1003 -11.06 -1.17 -47.07
CA GLN A 1003 -11.62 -2.22 -47.94
C GLN A 1003 -13.02 -1.90 -48.45
N LEU A 1004 -13.73 -1.04 -47.73
CA LEU A 1004 -15.06 -0.61 -48.15
C LEU A 1004 -14.99 0.13 -49.47
N ILE A 1005 -13.80 0.62 -49.80
CA ILE A 1005 -13.60 1.44 -50.99
C ILE A 1005 -12.72 0.74 -52.02
N GLU A 1006 -11.51 0.40 -51.59
CA GLU A 1006 -10.49 -0.12 -52.49
C GLU A 1006 -10.87 -1.47 -53.05
N PRO A 1010 -18.84 3.15 -51.85
CA PRO A 1010 -20.29 3.37 -51.92
C PRO A 1010 -20.73 4.63 -51.17
N ILE A 1011 -21.12 4.48 -49.91
CA ILE A 1011 -21.50 5.61 -49.07
C ILE A 1011 -20.25 6.41 -48.68
N VAL A 1012 -19.12 5.73 -48.63
CA VAL A 1012 -17.86 6.36 -48.25
C VAL A 1012 -17.15 6.97 -49.47
N CYS A 1013 -17.18 6.27 -50.59
CA CYS A 1013 -16.47 6.68 -51.80
C CYS A 1013 -17.15 7.87 -52.49
N ALA A 1014 -16.37 8.62 -53.28
CA ALA A 1014 -16.84 9.82 -53.99
C ALA A 1014 -17.61 10.75 -53.04
N GLN A 1015 -18.78 11.21 -53.50
CA GLN A 1015 -19.70 11.98 -52.66
C GLN A 1015 -19.06 13.22 -52.04
N SER A 1016 -19.65 13.67 -50.94
CA SER A 1016 -19.16 14.84 -50.22
C SER A 1016 -18.86 14.48 -48.76
N ASN A 1017 -18.72 13.19 -48.49
CA ASN A 1017 -18.23 12.71 -47.19
C ASN A 1017 -16.71 12.62 -47.21
N ILE A 1018 -16.11 13.10 -48.29
CA ILE A 1018 -14.67 12.95 -48.49
C ILE A 1018 -13.84 13.75 -47.48
N SER A 1019 -14.43 14.78 -46.89
CA SER A 1019 -13.75 15.55 -45.85
C SER A 1019 -13.88 14.87 -44.51
N ALA A 1020 -14.95 14.09 -44.35
CA ALA A 1020 -15.17 13.30 -43.13
C ALA A 1020 -14.37 12.01 -43.19
N VAL A 1021 -14.12 11.52 -44.41
CA VAL A 1021 -13.31 10.34 -44.62
C VAL A 1021 -11.85 10.61 -44.24
N VAL A 1022 -11.30 11.69 -44.79
CA VAL A 1022 -9.92 12.08 -44.53
C VAL A 1022 -9.70 12.39 -43.06
N ASP A 1023 -10.56 13.22 -42.50
CA ASP A 1023 -10.43 13.66 -41.12
C ASP A 1023 -10.53 12.48 -40.14
N SER A 1024 -11.34 11.48 -40.48
CA SER A 1024 -11.44 10.28 -39.65
C SER A 1024 -10.08 9.60 -39.53
N VAL A 1025 -9.30 9.65 -40.61
CA VAL A 1025 -7.96 9.07 -40.63
C VAL A 1025 -6.95 9.95 -39.89
N ILE A 1026 -6.96 11.24 -40.22
CA ILE A 1026 -6.05 12.21 -39.61
C ILE A 1026 -6.14 12.18 -38.08
N GLN A 1027 -7.36 12.18 -37.57
CA GLN A 1027 -7.60 12.19 -36.12
C GLN A 1027 -7.03 10.97 -35.41
N ALA A 1028 -7.19 9.80 -36.03
CA ALA A 1028 -6.68 8.56 -35.47
C ALA A 1028 -5.15 8.57 -35.45
N LEU A 1029 -4.57 9.04 -36.55
CA LEU A 1029 -3.12 9.15 -36.65
C LEU A 1029 -2.59 10.13 -35.62
N ASN A 1030 -3.17 11.33 -35.61
CA ASN A 1030 -2.74 12.38 -34.71
C ASN A 1030 -2.90 12.00 -33.25
N GLU A 1031 -3.92 11.20 -32.95
CA GLU A 1031 -4.17 10.77 -31.58
C GLU A 1031 -3.33 9.55 -31.23
N ARG A 1032 -2.61 9.04 -32.22
CA ARG A 1032 -1.74 7.87 -32.06
C ARG A 1032 -2.50 6.61 -31.63
N SER A 1033 -3.67 6.40 -32.20
CA SER A 1033 -4.42 5.17 -31.96
C SER A 1033 -4.23 4.21 -33.13
N LEU A 1034 -4.03 4.79 -34.30
CA LEU A 1034 -3.80 4.01 -35.52
C LEU A 1034 -2.33 4.07 -35.92
N GLU A 1038 -0.18 0.14 -39.72
CA GLU A 1038 -1.59 -0.17 -39.48
C GLU A 1038 -2.52 0.76 -40.28
N GLY A 1039 -2.08 1.99 -40.51
CA GLY A 1039 -2.90 2.98 -41.19
C GLY A 1039 -2.43 3.33 -42.59
N GLN A 1040 -1.26 2.84 -42.96
CA GLN A 1040 -0.69 3.08 -44.27
C GLN A 1040 -1.46 2.27 -45.32
N THR A 1041 -2.13 1.23 -44.83
CA THR A 1041 -3.16 0.52 -45.58
C THR A 1041 -4.27 1.47 -46.02
N VAL A 1042 -4.65 2.36 -45.11
CA VAL A 1042 -5.77 3.26 -45.31
C VAL A 1042 -5.36 4.57 -45.96
N ILE A 1043 -4.13 5.00 -45.71
CA ILE A 1043 -3.65 6.29 -46.19
C ILE A 1043 -3.70 6.42 -47.72
N SER A 1044 -3.25 5.38 -48.42
CA SER A 1044 -3.24 5.39 -49.88
C SER A 1044 -4.59 4.98 -50.45
N SER A 1045 -5.45 4.42 -49.61
CA SER A 1045 -6.85 4.22 -49.98
C SER A 1045 -7.50 5.58 -50.07
N VAL A 1046 -7.08 6.46 -49.17
CA VAL A 1046 -7.56 7.84 -49.14
C VAL A 1046 -6.94 8.64 -50.28
N LYS A 1047 -5.65 8.42 -50.52
CA LYS A 1047 -4.91 9.16 -51.54
C LYS A 1047 -5.46 8.86 -52.94
N LYS A 1048 -6.07 7.70 -53.11
CA LYS A 1048 -6.69 7.33 -54.38
C LYS A 1048 -7.92 8.20 -54.64
N LEU A 1049 -8.71 8.41 -53.60
CA LEU A 1049 -9.92 9.24 -53.65
C LEU A 1049 -9.63 10.69 -53.95
N LEU A 1050 -8.57 11.22 -53.35
CA LEU A 1050 -8.16 12.60 -53.55
C LEU A 1050 -7.63 12.83 -54.96
N GLY A 1051 -7.29 11.72 -55.63
CA GLY A 1051 -6.82 11.78 -57.00
C GLY A 1051 -7.97 11.99 -57.98
N PHE A 1052 -9.16 11.55 -57.58
CA PHE A 1052 -10.34 11.67 -58.45
C PHE A 1052 -10.98 13.05 -58.34
N LEU A 1053 -10.22 14.02 -57.83
CA LEU A 1053 -10.66 15.40 -57.75
C LEU A 1053 -9.58 16.35 -58.25
N ASP A 1057 -9.51 21.28 -55.33
CA ASP A 1057 -10.40 20.70 -54.33
C ASP A 1057 -9.68 19.66 -53.48
N ALA A 1058 -8.60 19.11 -54.03
CA ALA A 1058 -7.83 18.09 -53.33
C ALA A 1058 -7.14 18.67 -52.11
N MET A 1059 -6.55 19.85 -52.28
CA MET A 1059 -5.76 20.48 -51.24
C MET A 1059 -6.63 21.15 -50.18
N ALA A 1060 -7.76 21.68 -50.61
CA ALA A 1060 -8.64 22.47 -49.75
C ALA A 1060 -9.16 21.69 -48.54
N ILE A 1061 -9.12 20.37 -48.63
CA ILE A 1061 -9.56 19.51 -47.53
C ILE A 1061 -8.65 19.68 -46.30
N PHE A 1062 -7.44 20.18 -46.50
CA PHE A 1062 -6.50 20.29 -45.38
C PHE A 1062 -6.34 21.73 -44.88
N ASN A 1063 -7.19 22.62 -45.37
CA ASN A 1063 -7.19 24.00 -44.89
C ASN A 1063 -7.72 24.09 -43.47
N ARG A 1064 -8.22 22.97 -42.96
CA ARG A 1064 -8.79 22.91 -41.62
C ARG A 1064 -7.70 22.84 -40.56
N TYR A 1065 -6.60 22.19 -40.92
CA TYR A 1065 -5.59 21.79 -39.94
C TYR A 1065 -4.50 22.82 -39.71
N PRO A 1066 -4.12 23.01 -38.43
CA PRO A 1066 -3.07 23.95 -38.06
C PRO A 1066 -1.68 23.47 -38.47
N ALA A 1067 -0.67 24.29 -38.24
CA ALA A 1067 0.67 24.03 -38.75
C ALA A 1067 1.29 22.76 -38.20
N ASP A 1068 1.07 22.48 -36.92
CA ASP A 1068 1.70 21.33 -36.29
C ASP A 1068 1.15 20.00 -36.82
N ILE A 1069 -0.15 19.99 -37.15
CA ILE A 1069 -0.79 18.79 -37.66
C ILE A 1069 -0.56 18.66 -39.17
N MET A 1070 -0.40 19.79 -39.85
CA MET A 1070 -0.14 19.76 -41.29
C MET A 1070 1.23 19.17 -41.58
N GLU A 1071 2.22 19.45 -40.75
CA GLU A 1071 3.55 18.90 -41.00
C GLU A 1071 3.56 17.38 -40.85
N LYS A 1072 2.71 16.87 -39.96
CA LYS A 1072 2.55 15.43 -39.80
C LYS A 1072 1.87 14.84 -41.04
N VAL A 1073 0.87 15.56 -41.54
CA VAL A 1073 0.15 15.16 -42.75
C VAL A 1073 1.08 14.99 -43.95
N HIS A 1074 2.12 15.81 -44.02
CA HIS A 1074 3.02 15.79 -45.16
C HIS A 1074 3.99 14.63 -45.06
N LYS A 1075 4.36 14.25 -43.84
CA LYS A 1075 5.15 13.05 -43.61
C LYS A 1075 4.27 11.79 -43.67
N TRP A 1076 2.98 11.98 -43.88
CA TRP A 1076 2.03 10.87 -43.97
C TRP A 1076 1.62 10.57 -45.41
N PHE A 1077 1.33 11.62 -46.18
CA PHE A 1077 0.86 11.47 -47.55
C PHE A 1077 1.93 11.87 -48.57
N GLY B 51 13.04 17.84 0.92
CA GLY B 51 11.81 18.62 0.79
C GLY B 51 10.85 18.58 1.98
N ILE B 52 9.60 18.92 1.69
CA ILE B 52 8.54 18.92 2.69
C ILE B 52 7.57 17.78 2.44
N TYR B 53 7.33 17.01 3.49
CA TYR B 53 6.47 15.84 3.41
C TYR B 53 5.51 15.86 4.60
N LYS B 54 4.58 14.90 4.62
CA LYS B 54 3.73 14.66 5.81
C LYS B 54 4.22 13.41 6.60
N LYS B 55 4.05 13.43 7.93
CA LYS B 55 4.44 12.31 8.75
C LYS B 55 3.48 11.10 8.74
#